data_5X52
#
_entry.id   5X52
#
_cell.length_a   58.538
_cell.length_b   179.373
_cell.length_c   59.323
_cell.angle_alpha   90.00
_cell.angle_beta   105.43
_cell.angle_gamma   90.00
#
_symmetry.space_group_name_H-M   'P 1 21 1'
#
loop_
_entity.id
_entity.type
_entity.pdbx_description
1 polymer 'Serum albumin'
2 non-polymer N-ACETYLMETHIONINE
3 non-polymer 'OCTANOIC ACID (CAPRYLIC ACID)'
4 non-polymer 'PHOSPHATE ION'
#
_entity_poly.entity_id   1
_entity_poly.type   'polypeptide(L)'
_entity_poly.pdbx_seq_one_letter_code
;DAHKSEVAHRFKDLGEENFKALVLIAFAQYLQQCPFEDHVKLVNEVTEFAKTCVADESAENCDKSLHTLFGDKLCTVATL
RETYGEMADCCAKQEPERNECFLQHKDDNPNLPRLVRPEVDVMCTAFHDNEETFLKKYLYEIARRHPYFYAPELLFFAKR
YKAAFTECCQAADKAACLLPKLDELRDEGKASSAKQRLKCASLQKFGERAFKAWAVARLSQRFPKAEFAEVSKLVTDLTK
VHTECCHGDLLECADDRADLAKYICENQDSISSKLKECCEKPLLEKSHCIAEVENDEMPADLPSLAADFVESKDVCKNYA
EAKDVFLGMFLYEYARRHPDYSVVLLLRLAKTYETTLEKCCAAADPHECYAKVFDEFKPLVEEPQNLIKQNCELFEQLGE
YKFQNALLVRYTKKVPQVSTPTLVEVSRNLGKVGSKCCKHPEAKRMPCAEDYLSVVLNQLCVLHEKTPVSDRVTKCCTES
LVNRRPCFSALEVDETYVPKEFNAETFTFHADICTLSEKERQIKKQTALVELVKHKPKATKEQLKAVMDDFAAFVEKCCK
ADDKETCFAEEGKKLVAASQAALGL
;
_entity_poly.pdbx_strand_id   A,B
#
loop_
_chem_comp.id
_chem_comp.type
_chem_comp.name
_chem_comp.formula
OCA non-polymer 'OCTANOIC ACID (CAPRYLIC ACID)' 'C8 H16 O2'
PO4 non-polymer 'PHOSPHATE ION' 'O4 P -3'
#
# COMPACT_ATOMS: atom_id res chain seq x y z
N HIS A 3 -17.47 -33.36 32.74
CA HIS A 3 -17.07 -34.65 33.30
C HIS A 3 -16.69 -34.53 34.76
N LYS A 4 -16.40 -35.67 35.39
CA LYS A 4 -15.86 -35.65 36.75
C LYS A 4 -14.44 -35.10 36.76
N SER A 5 -13.66 -35.41 35.73
CA SER A 5 -12.32 -34.86 35.55
C SER A 5 -12.39 -33.74 34.53
N GLU A 6 -12.07 -32.52 34.97
CA GLU A 6 -12.18 -31.37 34.08
C GLU A 6 -11.05 -31.32 33.06
N VAL A 7 -9.85 -31.76 33.45
CA VAL A 7 -8.73 -31.77 32.51
C VAL A 7 -8.96 -32.81 31.41
N ALA A 8 -9.74 -33.86 31.70
CA ALA A 8 -10.05 -34.84 30.68
C ALA A 8 -11.14 -34.35 29.73
N HIS A 9 -12.08 -33.54 30.23
CA HIS A 9 -13.13 -33.02 29.37
C HIS A 9 -12.58 -32.04 28.33
N ARG A 10 -11.62 -31.21 28.73
CA ARG A 10 -11.03 -30.26 27.80
C ARG A 10 -10.05 -30.92 26.84
N PHE A 11 -9.33 -31.95 27.31
CA PHE A 11 -8.39 -32.65 26.44
C PHE A 11 -9.11 -33.37 25.31
N LYS A 12 -10.25 -33.98 25.61
CA LYS A 12 -10.99 -34.73 24.59
C LYS A 12 -11.72 -33.78 23.63
N ASP A 13 -12.19 -32.65 24.13
CA ASP A 13 -12.95 -31.72 23.28
C ASP A 13 -12.03 -30.89 22.39
N LEU A 14 -10.87 -30.50 22.90
CA LEU A 14 -9.96 -29.62 22.16
C LEU A 14 -8.96 -30.38 21.29
N GLY A 15 -8.72 -31.65 21.57
CA GLY A 15 -7.68 -32.40 20.89
C GLY A 15 -6.31 -32.12 21.51
N GLU A 16 -5.39 -33.06 21.28
CA GLU A 16 -4.09 -32.98 21.93
C GLU A 16 -3.27 -31.81 21.40
N GLU A 17 -3.35 -31.53 20.10
CA GLU A 17 -2.53 -30.47 19.52
C GLU A 17 -2.91 -29.10 20.08
N ASN A 18 -4.21 -28.80 20.10
CA ASN A 18 -4.65 -27.52 20.64
C ASN A 18 -4.51 -27.47 22.16
N PHE A 19 -4.58 -28.62 22.82
CA PHE A 19 -4.39 -28.65 24.27
C PHE A 19 -3.00 -28.19 24.66
N LYS A 20 -1.98 -28.76 24.02
CA LYS A 20 -0.60 -28.36 24.33
C LYS A 20 -0.36 -26.89 24.02
N ALA A 21 -0.98 -26.39 22.95
CA ALA A 21 -0.75 -25.00 22.55
C ALA A 21 -1.38 -24.03 23.56
N LEU A 22 -2.64 -24.27 23.94
CA LEU A 22 -3.30 -23.38 24.88
C LEU A 22 -2.63 -23.42 26.25
N VAL A 23 -2.14 -24.59 26.66
CA VAL A 23 -1.44 -24.69 27.94
C VAL A 23 -0.15 -23.88 27.92
N LEU A 24 0.57 -23.91 26.79
CA LEU A 24 1.78 -23.11 26.67
C LEU A 24 1.46 -21.62 26.71
N ILE A 25 0.37 -21.21 26.07
CA ILE A 25 -0.04 -19.81 26.11
C ILE A 25 -0.41 -19.40 27.53
N ALA A 26 -1.03 -20.32 28.27
CA ALA A 26 -1.41 -20.01 29.65
C ALA A 26 -0.18 -19.78 30.52
N PHE A 27 0.83 -20.65 30.40
CA PHE A 27 2.04 -20.49 31.19
C PHE A 27 2.82 -19.24 30.78
N ALA A 28 2.82 -18.92 29.48
CA ALA A 28 3.62 -17.79 29.00
C ALA A 28 2.97 -16.45 29.36
N GLN A 29 1.65 -16.41 29.48
CA GLN A 29 0.98 -15.17 29.86
C GLN A 29 1.13 -14.88 31.34
N TYR A 30 1.09 -15.92 32.18
CA TYR A 30 1.28 -15.74 33.61
C TYR A 30 2.74 -15.52 33.96
N LEU A 31 3.61 -16.40 33.48
CA LEU A 31 5.06 -16.30 33.69
C LEU A 31 5.68 -15.89 32.36
N GLN A 32 5.91 -14.59 32.19
CA GLN A 32 6.39 -14.04 30.93
C GLN A 32 7.92 -13.97 30.88
N GLN A 33 8.57 -13.81 32.02
CA GLN A 33 10.03 -13.72 32.08
C GLN A 33 10.71 -15.08 32.14
N CYS A 34 9.98 -16.14 32.47
CA CYS A 34 10.56 -17.46 32.54
C CYS A 34 11.07 -17.87 31.16
N PRO A 35 12.27 -18.44 31.05
CA PRO A 35 12.80 -18.82 29.74
C PRO A 35 11.95 -19.88 29.07
N PHE A 36 12.18 -20.05 27.76
CA PHE A 36 11.35 -20.93 26.96
C PHE A 36 11.46 -22.38 27.40
N GLU A 37 12.64 -22.80 27.85
CA GLU A 37 12.84 -24.22 28.19
C GLU A 37 12.05 -24.61 29.43
N ASP A 38 11.85 -23.69 30.37
CA ASP A 38 11.13 -24.03 31.60
C ASP A 38 9.64 -24.25 31.32
N HIS A 39 9.06 -23.51 30.38
CA HIS A 39 7.64 -23.70 30.07
C HIS A 39 7.40 -25.01 29.33
N VAL A 40 8.35 -25.43 28.48
CA VAL A 40 8.17 -26.67 27.72
C VAL A 40 8.06 -27.86 28.66
N LYS A 41 8.85 -27.86 29.74
CA LYS A 41 8.79 -28.95 30.70
C LYS A 41 7.44 -28.97 31.41
N LEU A 42 6.90 -27.80 31.77
CA LEU A 42 5.63 -27.75 32.48
C LEU A 42 4.47 -28.20 31.59
N VAL A 43 4.48 -27.78 30.32
CA VAL A 43 3.39 -28.14 29.42
C VAL A 43 3.39 -29.65 29.17
N ASN A 44 4.57 -30.25 29.02
CA ASN A 44 4.65 -31.68 28.77
C ASN A 44 4.21 -32.47 29.99
N GLU A 45 4.58 -32.01 31.20
CA GLU A 45 4.13 -32.67 32.41
C GLU A 45 2.62 -32.54 32.60
N VAL A 46 2.04 -31.42 32.16
CA VAL A 46 0.59 -31.29 32.16
C VAL A 46 -0.01 -32.19 31.10
N THR A 47 0.64 -32.29 29.94
CA THR A 47 0.14 -33.16 28.87
C THR A 47 0.20 -34.62 29.27
N GLU A 48 1.29 -35.03 29.92
CA GLU A 48 1.39 -36.40 30.43
C GLU A 48 0.32 -36.66 31.47
N PHE A 49 0.15 -35.72 32.41
CA PHE A 49 -0.85 -35.88 33.46
C PHE A 49 -2.26 -35.91 32.86
N ALA A 50 -2.49 -35.11 31.82
CA ALA A 50 -3.81 -35.08 31.20
C ALA A 50 -4.16 -36.41 30.54
N LYS A 51 -3.17 -37.06 29.93
CA LYS A 51 -3.43 -38.34 29.28
C LYS A 51 -3.75 -39.43 30.28
N THR A 52 -3.20 -39.35 31.50
CA THR A 52 -3.56 -40.32 32.53
C THR A 52 -5.00 -40.16 32.96
N CYS A 53 -5.52 -38.92 32.94
CA CYS A 53 -6.92 -38.70 33.30
C CYS A 53 -7.87 -39.12 32.19
N VAL A 54 -7.43 -39.03 30.93
CA VAL A 54 -8.25 -39.51 29.83
C VAL A 54 -8.42 -41.03 29.91
N ALA A 55 -7.37 -41.73 30.35
CA ALA A 55 -7.46 -43.18 30.50
C ALA A 55 -8.48 -43.55 31.58
N ASP A 56 -8.44 -42.86 32.71
CA ASP A 56 -9.40 -43.10 33.80
C ASP A 56 -9.63 -41.78 34.52
N GLU A 57 -10.86 -41.27 34.44
CA GLU A 57 -11.18 -40.00 35.08
C GLU A 57 -11.23 -40.11 36.60
N SER A 58 -11.13 -41.31 37.15
CA SER A 58 -11.08 -41.52 38.59
C SER A 58 -9.66 -41.67 39.11
N ALA A 59 -8.66 -41.35 38.29
CA ALA A 59 -7.27 -41.44 38.73
C ALA A 59 -6.94 -40.32 39.70
N GLU A 60 -5.70 -40.33 40.18
CA GLU A 60 -5.27 -39.39 41.21
C GLU A 60 -5.21 -37.97 40.65
N ASN A 61 -5.69 -37.01 41.44
CA ASN A 61 -5.53 -35.60 41.12
C ASN A 61 -6.34 -35.19 39.89
N CYS A 62 -7.07 -36.13 39.32
CA CYS A 62 -7.83 -35.83 38.11
C CYS A 62 -9.12 -35.07 38.40
N ASP A 63 -9.61 -35.10 39.64
CA ASP A 63 -10.86 -34.44 39.98
C ASP A 63 -10.69 -33.00 40.43
N LYS A 64 -9.46 -32.55 40.68
CA LYS A 64 -9.25 -31.18 41.11
C LYS A 64 -9.53 -30.20 39.97
N SER A 65 -9.68 -28.93 40.32
CA SER A 65 -10.08 -27.92 39.35
C SER A 65 -8.92 -27.57 38.41
N LEU A 66 -9.28 -27.00 37.25
CA LEU A 66 -8.26 -26.62 36.27
C LEU A 66 -7.36 -25.50 36.80
N HIS A 67 -7.90 -24.59 37.61
CA HIS A 67 -7.08 -23.52 38.15
C HIS A 67 -6.18 -23.98 39.29
N THR A 68 -6.61 -25.00 40.04
CA THR A 68 -5.74 -25.56 41.07
C THR A 68 -4.58 -26.32 40.44
N LEU A 69 -4.86 -27.09 39.39
CA LEU A 69 -3.80 -27.79 38.67
C LEU A 69 -2.81 -26.80 38.06
N PHE A 70 -3.30 -25.87 37.25
CA PHE A 70 -2.44 -24.90 36.62
C PHE A 70 -1.78 -23.98 37.63
N GLY A 71 -2.47 -23.69 38.74
CA GLY A 71 -1.88 -22.83 39.76
C GLY A 71 -0.78 -23.53 40.55
N ASP A 72 -0.98 -24.80 40.89
CA ASP A 72 0.05 -25.54 41.62
C ASP A 72 1.30 -25.72 40.77
N LYS A 73 1.14 -25.97 39.47
CA LYS A 73 2.29 -26.12 38.59
C LYS A 73 3.07 -24.81 38.49
N LEU A 74 2.38 -23.67 38.52
CA LEU A 74 3.04 -22.38 38.47
C LEU A 74 3.91 -22.16 39.70
N CYS A 75 3.56 -22.77 40.84
CA CYS A 75 4.31 -22.59 42.07
C CYS A 75 5.40 -23.63 42.24
N THR A 76 5.58 -24.53 41.27
CA THR A 76 6.64 -25.54 41.38
C THR A 76 7.96 -25.03 40.85
N VAL A 77 7.94 -24.06 39.93
CA VAL A 77 9.19 -23.53 39.37
C VAL A 77 9.98 -22.87 40.49
N ALA A 78 11.18 -23.37 40.73
CA ALA A 78 11.98 -22.91 41.86
C ALA A 78 12.43 -21.48 41.66
N THR A 79 12.55 -20.76 42.79
CA THR A 79 13.05 -19.38 42.81
C THR A 79 12.19 -18.46 41.94
N LEU A 80 10.87 -18.65 41.98
CA LEU A 80 9.98 -17.67 41.36
C LEU A 80 10.06 -16.32 42.07
N ARG A 81 10.32 -16.33 43.38
CA ARG A 81 10.48 -15.07 44.10
C ARG A 81 11.78 -14.38 43.70
N GLU A 82 12.83 -15.15 43.38
CA GLU A 82 14.10 -14.55 43.01
C GLU A 82 13.99 -13.84 41.66
N THR A 83 13.28 -14.44 40.70
CA THR A 83 13.21 -13.85 39.36
C THR A 83 12.09 -12.82 39.28
N TYR A 84 10.90 -13.15 39.79
CA TYR A 84 9.72 -12.31 39.66
C TYR A 84 9.49 -11.41 40.86
N GLY A 85 10.42 -11.36 41.80
CA GLY A 85 10.27 -10.44 42.92
C GLY A 85 9.25 -10.95 43.93
N GLU A 86 8.28 -10.11 44.24
CA GLU A 86 7.28 -10.40 45.28
C GLU A 86 6.07 -11.16 44.76
N MET A 87 6.08 -11.59 43.50
CA MET A 87 4.92 -12.29 42.96
C MET A 87 4.71 -13.64 43.64
N ALA A 88 5.77 -14.23 44.18
CA ALA A 88 5.64 -15.52 44.84
C ALA A 88 4.83 -15.45 46.13
N ASP A 89 4.61 -14.24 46.67
CA ASP A 89 3.74 -14.08 47.83
C ASP A 89 2.33 -14.56 47.54
N CYS A 90 1.93 -14.59 46.28
CA CYS A 90 0.57 -15.00 45.91
C CYS A 90 0.43 -16.51 45.73
N CYS A 91 1.55 -17.24 45.57
CA CYS A 91 1.48 -18.68 45.60
C CYS A 91 1.06 -19.20 46.97
N ALA A 92 1.24 -18.41 48.02
CA ALA A 92 0.76 -18.76 49.36
C ALA A 92 -0.67 -18.24 49.52
N LYS A 93 -1.57 -18.83 48.73
CA LYS A 93 -2.97 -18.45 48.74
C LYS A 93 -3.80 -19.63 48.23
N GLN A 94 -5.11 -19.48 48.34
CA GLN A 94 -6.06 -20.49 47.90
C GLN A 94 -6.91 -19.96 46.75
N GLU A 95 -7.27 -20.85 45.84
CA GLU A 95 -8.14 -20.49 44.73
C GLU A 95 -9.52 -20.09 45.26
N PRO A 96 -10.15 -19.08 44.62
CA PRO A 96 -9.65 -18.36 43.45
C PRO A 96 -8.84 -17.10 43.79
N GLU A 97 -8.39 -16.96 45.03
CA GLU A 97 -7.61 -15.78 45.41
C GLU A 97 -6.24 -15.80 44.75
N ARG A 98 -5.60 -16.97 44.70
CA ARG A 98 -4.28 -17.07 44.08
C ARG A 98 -4.35 -16.75 42.59
N ASN A 99 -5.44 -17.16 41.94
CA ASN A 99 -5.59 -16.87 40.51
C ASN A 99 -5.83 -15.39 40.27
N GLU A 100 -6.54 -14.71 41.18
CA GLU A 100 -6.83 -13.30 40.99
C GLU A 100 -5.56 -12.46 40.99
N CYS A 101 -4.63 -12.75 41.90
CA CYS A 101 -3.38 -11.98 41.93
C CYS A 101 -2.50 -12.31 40.73
N PHE A 102 -2.46 -13.58 40.32
CA PHE A 102 -1.73 -13.94 39.12
C PHE A 102 -2.21 -13.16 37.91
N LEU A 103 -3.49 -12.77 37.91
CA LEU A 103 -4.00 -11.88 36.87
C LEU A 103 -3.60 -10.44 37.11
N GLN A 104 -3.40 -10.05 38.38
CA GLN A 104 -3.00 -8.68 38.69
C GLN A 104 -1.56 -8.41 38.25
N HIS A 105 -0.70 -9.42 38.31
CA HIS A 105 0.71 -9.26 38.00
C HIS A 105 1.02 -9.42 36.52
N LYS A 106 0.00 -9.52 35.67
CA LYS A 106 0.22 -9.54 34.23
C LYS A 106 0.79 -8.20 33.78
N ASP A 107 1.92 -8.25 33.09
CA ASP A 107 2.65 -7.05 32.69
C ASP A 107 2.32 -6.74 31.24
N ASP A 108 1.63 -5.62 31.01
CA ASP A 108 1.34 -5.19 29.64
C ASP A 108 2.59 -4.70 28.93
N ASN A 109 3.56 -4.18 29.67
CA ASN A 109 4.86 -3.76 29.13
C ASN A 109 5.93 -4.49 29.93
N PRO A 110 6.29 -5.71 29.53
CA PRO A 110 7.12 -6.57 30.39
C PRO A 110 8.62 -6.42 30.19
N ASN A 111 9.07 -5.23 29.80
CA ASN A 111 10.49 -4.91 29.61
C ASN A 111 11.25 -6.04 28.91
N LEU A 112 10.69 -6.52 27.80
CA LEU A 112 11.37 -7.58 27.08
C LEU A 112 12.04 -7.03 25.82
N PRO A 113 13.20 -7.58 25.45
CA PRO A 113 13.89 -7.08 24.26
C PRO A 113 13.09 -7.34 23.00
N ARG A 114 13.25 -6.43 22.03
CA ARG A 114 12.56 -6.57 20.76
C ARG A 114 13.07 -7.80 20.01
N LEU A 115 12.15 -8.52 19.39
CA LEU A 115 12.49 -9.75 18.68
C LEU A 115 13.28 -9.43 17.41
N VAL A 116 14.58 -9.70 17.43
CA VAL A 116 15.38 -9.58 16.21
C VAL A 116 15.03 -10.74 15.29
N ARG A 117 14.60 -10.40 14.07
CA ARG A 117 14.15 -11.41 13.13
C ARG A 117 15.35 -11.95 12.34
N PRO A 118 15.72 -13.21 12.50
CA PRO A 118 16.86 -13.75 11.75
C PRO A 118 16.59 -13.77 10.26
N GLU A 119 17.64 -14.09 9.51
CA GLU A 119 17.53 -14.14 8.06
C GLU A 119 16.57 -15.26 7.64
N VAL A 120 16.02 -15.11 6.43
CA VAL A 120 14.97 -16.01 5.98
C VAL A 120 15.49 -17.44 5.84
N ASP A 121 16.73 -17.59 5.37
CA ASP A 121 17.30 -18.93 5.23
C ASP A 121 17.54 -19.58 6.59
N VAL A 122 17.91 -18.78 7.59
CA VAL A 122 18.09 -19.31 8.94
C VAL A 122 16.75 -19.75 9.51
N MET A 123 15.71 -18.93 9.34
CA MET A 123 14.39 -19.29 9.82
C MET A 123 13.86 -20.52 9.09
N CYS A 124 14.06 -20.59 7.78
CA CYS A 124 13.63 -21.77 7.03
C CYS A 124 14.44 -23.00 7.42
N THR A 125 15.69 -22.82 7.84
CA THR A 125 16.49 -23.95 8.30
C THR A 125 15.97 -24.46 9.64
N ALA A 126 15.72 -23.55 10.58
CA ALA A 126 15.18 -23.94 11.87
C ALA A 126 13.77 -24.52 11.73
N PHE A 127 12.99 -24.01 10.80
CA PHE A 127 11.67 -24.58 10.54
C PHE A 127 11.77 -25.98 9.96
N HIS A 128 12.87 -26.30 9.26
CA HIS A 128 13.04 -27.64 8.71
C HIS A 128 13.67 -28.58 9.73
N ASP A 129 14.56 -28.06 10.57
CA ASP A 129 15.22 -28.86 11.59
C ASP A 129 14.21 -29.44 12.57
N ASN A 130 13.64 -28.58 13.41
CA ASN A 130 12.62 -28.98 14.38
C ASN A 130 11.40 -28.09 14.17
N GLU A 131 10.44 -28.59 13.38
CA GLU A 131 9.23 -27.82 13.10
C GLU A 131 8.38 -27.65 14.34
N GLU A 132 8.28 -28.69 15.17
CA GLU A 132 7.45 -28.61 16.37
C GLU A 132 7.99 -27.57 17.34
N THR A 133 9.31 -27.49 17.49
CA THR A 133 9.89 -26.48 18.37
C THR A 133 9.77 -25.08 17.80
N PHE A 134 9.83 -24.95 16.47
CA PHE A 134 9.81 -23.63 15.85
C PHE A 134 8.48 -22.92 16.09
N LEU A 135 7.37 -23.66 16.02
CA LEU A 135 6.07 -23.04 16.25
C LEU A 135 5.88 -22.70 17.73
N LYS A 136 6.38 -23.56 18.63
CA LYS A 136 6.24 -23.30 20.06
C LYS A 136 6.99 -22.03 20.46
N LYS A 137 8.08 -21.70 19.77
CA LYS A 137 8.77 -20.45 20.04
C LYS A 137 7.93 -19.25 19.59
N TYR A 138 7.11 -19.43 18.56
CA TYR A 138 6.24 -18.34 18.12
C TYR A 138 5.11 -18.11 19.11
N LEU A 139 4.45 -19.19 19.55
CA LEU A 139 3.43 -19.06 20.57
C LEU A 139 3.99 -18.52 21.87
N TYR A 140 5.22 -18.90 22.21
CA TYR A 140 5.83 -18.47 23.46
C TYR A 140 6.16 -16.99 23.44
N GLU A 141 6.90 -16.53 22.42
CA GLU A 141 7.36 -15.15 22.39
C GLU A 141 6.22 -14.16 22.28
N ILE A 142 5.13 -14.52 21.59
CA ILE A 142 4.02 -13.60 21.44
C ILE A 142 3.21 -13.51 22.73
N ALA A 143 3.03 -14.64 23.44
CA ALA A 143 2.19 -14.63 24.62
C ALA A 143 2.80 -13.86 25.78
N ARG A 144 4.13 -13.81 25.86
CA ARG A 144 4.78 -13.07 26.95
C ARG A 144 4.48 -11.59 26.85
N ARG A 145 4.69 -11.01 25.66
CA ARG A 145 4.50 -9.58 25.43
C ARG A 145 3.04 -9.18 25.31
N HIS A 146 2.14 -10.14 25.13
CA HIS A 146 0.70 -9.87 25.06
C HIS A 146 -0.01 -10.85 25.98
N PRO A 147 0.01 -10.58 27.30
CA PRO A 147 -0.58 -11.53 28.26
C PRO A 147 -2.09 -11.59 28.25
N TYR A 148 -2.76 -10.78 27.42
CA TYR A 148 -4.21 -10.82 27.30
C TYR A 148 -4.65 -11.20 25.88
N PHE A 149 -3.76 -11.82 25.11
CA PHE A 149 -4.08 -12.19 23.74
C PHE A 149 -5.23 -13.19 23.70
N TYR A 150 -6.13 -13.00 22.73
CA TYR A 150 -7.22 -13.94 22.53
C TYR A 150 -6.65 -15.31 22.19
N ALA A 151 -6.59 -16.20 23.18
CA ALA A 151 -5.92 -17.49 23.02
C ALA A 151 -6.42 -18.31 21.83
N PRO A 152 -7.72 -18.47 21.59
CA PRO A 152 -8.15 -19.21 20.39
C PRO A 152 -7.72 -18.54 19.10
N GLU A 153 -7.68 -17.20 19.06
CA GLU A 153 -7.17 -16.51 17.89
C GLU A 153 -5.68 -16.74 17.72
N LEU A 154 -4.93 -16.85 18.82
CA LEU A 154 -3.49 -17.06 18.72
C LEU A 154 -3.17 -18.39 18.05
N LEU A 155 -4.03 -19.40 18.20
CA LEU A 155 -3.86 -20.65 17.48
C LEU A 155 -4.00 -20.44 15.99
N PHE A 156 -4.91 -19.54 15.59
CA PHE A 156 -5.09 -19.26 14.17
C PHE A 156 -3.89 -18.52 13.60
N PHE A 157 -3.34 -17.57 14.36
CA PHE A 157 -2.11 -16.90 13.93
C PHE A 157 -0.96 -17.88 13.83
N ALA A 158 -0.89 -18.84 14.77
CA ALA A 158 0.14 -19.87 14.69
C ALA A 158 -0.06 -20.78 13.49
N LYS A 159 -1.32 -21.00 13.09
CA LYS A 159 -1.58 -21.84 11.92
C LYS A 159 -1.13 -21.14 10.64
N ARG A 160 -1.39 -19.83 10.54
CA ARG A 160 -0.93 -19.07 9.38
C ARG A 160 0.57 -18.82 9.42
N TYR A 161 1.16 -18.74 10.62
CA TYR A 161 2.60 -18.64 10.73
C TYR A 161 3.28 -19.92 10.25
N LYS A 162 2.62 -21.06 10.41
CA LYS A 162 3.16 -22.33 9.92
C LYS A 162 2.97 -22.46 8.41
N ALA A 163 1.79 -22.10 7.90
CA ALA A 163 1.54 -22.19 6.46
C ALA A 163 2.43 -21.23 5.69
N ALA A 164 2.87 -20.15 6.32
CA ALA A 164 3.77 -19.22 5.65
C ALA A 164 5.14 -19.85 5.41
N PHE A 165 5.67 -20.54 6.42
CA PHE A 165 6.97 -21.20 6.26
C PHE A 165 6.85 -22.45 5.40
N THR A 166 5.68 -23.09 5.40
CA THR A 166 5.49 -24.27 4.54
C THR A 166 5.49 -23.90 3.07
N GLU A 167 4.89 -22.75 2.73
CA GLU A 167 4.78 -22.37 1.32
C GLU A 167 6.00 -21.60 0.84
N CYS A 168 6.55 -20.73 1.67
CA CYS A 168 7.59 -19.82 1.20
C CYS A 168 8.99 -20.44 1.23
N CYS A 169 9.27 -21.31 2.20
CA CYS A 169 10.59 -21.92 2.28
C CYS A 169 10.91 -22.82 1.09
N GLN A 170 9.90 -23.22 0.32
CA GLN A 170 10.12 -23.98 -0.91
C GLN A 170 10.21 -23.08 -2.14
N ALA A 171 9.85 -21.81 -2.02
CA ALA A 171 9.88 -20.90 -3.16
C ALA A 171 11.31 -20.51 -3.50
N ALA A 172 11.52 -20.09 -4.74
CA ALA A 172 12.84 -19.67 -5.19
C ALA A 172 13.30 -18.42 -4.46
N ASP A 173 12.45 -17.39 -4.42
CA ASP A 173 12.73 -16.16 -3.69
C ASP A 173 11.98 -16.23 -2.37
N LYS A 174 12.67 -16.72 -1.33
CA LYS A 174 12.02 -16.94 -0.05
C LYS A 174 11.65 -15.63 0.62
N ALA A 175 12.48 -14.60 0.47
CA ALA A 175 12.24 -13.33 1.15
C ALA A 175 11.02 -12.60 0.57
N ALA A 176 10.86 -12.63 -0.74
CA ALA A 176 9.72 -11.97 -1.37
C ALA A 176 8.40 -12.63 -1.01
N CYS A 177 8.42 -13.89 -0.58
CA CYS A 177 7.24 -14.63 -0.18
C CYS A 177 6.97 -14.50 1.32
N LEU A 178 8.01 -14.72 2.14
CA LEU A 178 7.81 -14.85 3.57
C LEU A 178 7.61 -13.49 4.24
N LEU A 179 8.45 -12.51 3.89
CA LEU A 179 8.40 -11.22 4.59
C LEU A 179 7.06 -10.51 4.45
N PRO A 180 6.39 -10.47 3.29
CA PRO A 180 5.05 -9.86 3.27
C PRO A 180 4.06 -10.58 4.17
N LYS A 181 4.19 -11.89 4.34
CA LYS A 181 3.26 -12.62 5.19
C LYS A 181 3.62 -12.46 6.67
N LEU A 182 4.91 -12.41 6.98
CA LEU A 182 5.32 -12.24 8.38
C LEU A 182 5.05 -10.82 8.87
N ASP A 183 5.25 -9.82 8.00
CA ASP A 183 4.96 -8.44 8.39
C ASP A 183 3.46 -8.22 8.55
N GLU A 184 2.65 -8.85 7.70
CA GLU A 184 1.20 -8.72 7.83
C GLU A 184 0.71 -9.45 9.08
N LEU A 185 1.33 -10.58 9.42
CA LEU A 185 0.95 -11.32 10.62
C LEU A 185 1.25 -10.52 11.87
N ARG A 186 2.36 -9.77 11.88
CA ARG A 186 2.72 -8.98 13.05
C ARG A 186 1.76 -7.80 13.22
N ASP A 187 1.48 -7.08 12.13
CA ASP A 187 0.56 -5.95 12.21
C ASP A 187 -0.84 -6.40 12.60
N GLU A 188 -1.32 -7.48 11.98
CA GLU A 188 -2.62 -8.03 12.35
C GLU A 188 -2.60 -8.62 13.76
N GLY A 189 -1.44 -9.10 14.19
CA GLY A 189 -1.35 -9.67 15.53
C GLY A 189 -1.50 -8.62 16.62
N LYS A 190 -0.77 -7.50 16.49
CA LYS A 190 -0.90 -6.43 17.46
C LYS A 190 -2.28 -5.80 17.43
N ALA A 191 -2.96 -5.84 16.28
CA ALA A 191 -4.33 -5.35 16.21
C ALA A 191 -5.28 -6.24 17.01
N SER A 192 -5.07 -7.56 16.95
CA SER A 192 -5.91 -8.47 17.72
C SER A 192 -5.64 -8.35 19.22
N SER A 193 -4.40 -8.08 19.61
CA SER A 193 -4.06 -8.00 21.01
C SER A 193 -4.71 -6.78 21.66
N ALA A 194 -4.48 -5.59 21.09
CA ALA A 194 -5.06 -4.38 21.65
C ALA A 194 -6.58 -4.41 21.62
N LYS A 195 -7.16 -5.04 20.60
CA LYS A 195 -8.60 -5.18 20.54
C LYS A 195 -9.12 -6.06 21.67
N GLN A 196 -8.42 -7.17 21.94
CA GLN A 196 -8.84 -8.09 22.99
C GLN A 196 -8.61 -7.49 24.37
N ARG A 197 -7.60 -6.64 24.52
CA ARG A 197 -7.34 -6.03 25.82
C ARG A 197 -8.50 -5.14 26.26
N LEU A 198 -9.22 -4.55 25.31
CA LEU A 198 -10.38 -3.74 25.64
C LEU A 198 -11.50 -4.60 26.22
N LYS A 199 -11.71 -5.79 25.65
CA LYS A 199 -12.76 -6.67 26.16
C LYS A 199 -12.45 -7.13 27.58
N CYS A 200 -11.16 -7.38 27.88
CA CYS A 200 -10.79 -7.79 29.23
C CYS A 200 -10.89 -6.62 30.21
N ALA A 201 -10.45 -5.43 29.78
CA ALA A 201 -10.54 -4.26 30.65
C ALA A 201 -11.99 -3.89 30.94
N SER A 202 -12.89 -4.12 29.98
CA SER A 202 -14.30 -3.84 30.21
C SER A 202 -14.90 -4.80 31.22
N LEU A 203 -14.47 -6.07 31.20
CA LEU A 203 -14.99 -7.05 32.14
C LEU A 203 -14.41 -6.85 33.54
N GLN A 204 -13.10 -6.60 33.63
CA GLN A 204 -12.46 -6.53 34.93
C GLN A 204 -12.77 -5.21 35.64
N LYS A 205 -12.75 -4.09 34.91
CA LYS A 205 -12.92 -2.79 35.51
C LYS A 205 -14.39 -2.38 35.65
N PHE A 206 -15.23 -2.75 34.68
CA PHE A 206 -16.62 -2.29 34.67
C PHE A 206 -17.64 -3.42 34.77
N GLY A 207 -17.21 -4.67 34.82
CA GLY A 207 -18.10 -5.78 35.10
C GLY A 207 -18.73 -6.38 33.85
N GLU A 208 -19.45 -7.48 34.08
CA GLU A 208 -20.16 -8.15 32.98
C GLU A 208 -21.25 -7.27 32.40
N ARG A 209 -21.88 -6.42 33.22
CA ARG A 209 -22.99 -5.60 32.75
C ARG A 209 -22.54 -4.64 31.66
N ALA A 210 -21.34 -4.07 31.79
CA ALA A 210 -20.85 -3.17 30.77
C ALA A 210 -20.44 -3.91 29.50
N PHE A 211 -20.05 -5.18 29.62
CA PHE A 211 -19.66 -5.94 28.43
C PHE A 211 -20.86 -6.47 27.68
N LYS A 212 -21.93 -6.86 28.40
CA LYS A 212 -23.13 -7.32 27.73
C LYS A 212 -23.77 -6.21 26.91
N ALA A 213 -23.76 -4.99 27.44
CA ALA A 213 -24.27 -3.86 26.67
C ALA A 213 -23.47 -3.65 25.40
N TRP A 214 -22.15 -3.81 25.46
CA TRP A 214 -21.34 -3.75 24.26
C TRP A 214 -21.66 -4.90 23.32
N ALA A 215 -21.94 -6.07 23.87
CA ALA A 215 -22.22 -7.24 23.04
C ALA A 215 -23.57 -7.11 22.34
N VAL A 216 -24.57 -6.57 23.05
CA VAL A 216 -25.89 -6.39 22.43
C VAL A 216 -25.80 -5.41 21.27
N ALA A 217 -24.98 -4.36 21.40
CA ALA A 217 -24.92 -3.34 20.37
C ALA A 217 -24.24 -3.86 19.10
N ARG A 218 -23.08 -4.51 19.26
CA ARG A 218 -22.33 -4.94 18.09
C ARG A 218 -23.01 -6.12 17.39
N LEU A 219 -23.58 -7.05 18.16
CA LEU A 219 -24.26 -8.18 17.55
C LEU A 219 -25.55 -7.75 16.86
N SER A 220 -26.23 -6.73 17.38
CA SER A 220 -27.44 -6.23 16.72
C SER A 220 -27.09 -5.52 15.43
N GLN A 221 -26.00 -4.74 15.43
CA GLN A 221 -25.53 -4.12 14.18
C GLN A 221 -25.15 -5.19 13.16
N ARG A 222 -24.47 -6.24 13.61
CA ARG A 222 -23.98 -7.26 12.70
C ARG A 222 -25.05 -8.27 12.32
N PHE A 223 -25.96 -8.58 13.23
CA PHE A 223 -27.06 -9.52 12.99
C PHE A 223 -28.40 -8.81 13.21
N PRO A 224 -28.78 -7.91 12.30
CA PRO A 224 -30.03 -7.15 12.51
C PRO A 224 -31.28 -7.99 12.31
N LYS A 225 -31.20 -9.04 11.50
CA LYS A 225 -32.38 -9.87 11.23
C LYS A 225 -32.74 -10.78 12.40
N ALA A 226 -31.80 -11.08 13.28
CA ALA A 226 -32.06 -11.98 14.39
C ALA A 226 -32.96 -11.31 15.42
N GLU A 227 -33.84 -12.09 16.04
CA GLU A 227 -34.71 -11.57 17.08
C GLU A 227 -33.90 -11.24 18.34
N PHE A 228 -34.58 -10.61 19.29
CA PHE A 228 -33.90 -10.21 20.53
C PHE A 228 -33.52 -11.43 21.36
N ALA A 229 -34.39 -12.45 21.39
CA ALA A 229 -34.08 -13.66 22.15
C ALA A 229 -32.90 -14.41 21.55
N GLU A 230 -32.70 -14.31 20.24
CA GLU A 230 -31.55 -14.96 19.61
C GLU A 230 -30.27 -14.19 19.86
N VAL A 231 -30.33 -12.85 19.80
CA VAL A 231 -29.16 -12.05 20.14
C VAL A 231 -28.81 -12.21 21.61
N SER A 232 -29.82 -12.21 22.48
CA SER A 232 -29.56 -12.42 23.91
C SER A 232 -28.91 -13.76 24.18
N LYS A 233 -29.22 -14.77 23.36
CA LYS A 233 -28.53 -16.05 23.49
C LYS A 233 -27.08 -15.94 23.04
N LEU A 234 -26.83 -15.25 21.93
CA LEU A 234 -25.46 -15.05 21.46
C LEU A 234 -24.69 -14.11 22.39
N VAL A 235 -25.36 -13.11 22.96
CA VAL A 235 -24.70 -12.21 23.90
C VAL A 235 -24.27 -12.96 25.15
N THR A 236 -25.16 -13.80 25.68
CA THR A 236 -24.84 -14.54 26.90
C THR A 236 -23.71 -15.53 26.68
N ASP A 237 -23.68 -16.18 25.52
CA ASP A 237 -22.63 -17.15 25.24
C ASP A 237 -21.31 -16.45 24.93
N LEU A 238 -21.34 -15.39 24.12
CA LEU A 238 -20.12 -14.65 23.82
C LEU A 238 -19.52 -14.01 25.07
N THR A 239 -20.38 -13.58 26.00
CA THR A 239 -19.88 -13.02 27.25
C THR A 239 -19.15 -14.08 28.06
N LYS A 240 -19.67 -15.31 28.08
CA LYS A 240 -19.01 -16.38 28.82
C LYS A 240 -17.67 -16.74 28.21
N VAL A 241 -17.56 -16.67 26.88
CA VAL A 241 -16.30 -17.01 26.21
C VAL A 241 -15.21 -16.02 26.60
N HIS A 242 -15.48 -14.72 26.45
CA HIS A 242 -14.46 -13.72 26.75
C HIS A 242 -14.23 -13.57 28.24
N THR A 243 -15.23 -13.90 29.07
CA THR A 243 -15.01 -13.87 30.52
C THR A 243 -13.99 -14.92 30.93
N GLU A 244 -14.04 -16.10 30.31
CA GLU A 244 -13.10 -17.15 30.65
C GLU A 244 -11.71 -16.86 30.11
N CYS A 245 -11.63 -16.31 28.89
CA CYS A 245 -10.33 -16.02 28.29
C CYS A 245 -9.57 -14.96 29.08
N CYS A 246 -10.30 -13.94 29.58
CA CYS A 246 -9.64 -12.88 30.33
C CYS A 246 -9.26 -13.33 31.74
N HIS A 247 -9.96 -14.32 32.29
CA HIS A 247 -9.63 -14.85 33.61
C HIS A 247 -8.54 -15.91 33.57
N GLY A 248 -8.06 -16.28 32.39
CA GLY A 248 -7.06 -17.32 32.26
C GLY A 248 -7.60 -18.70 31.98
N ASP A 249 -8.93 -18.86 31.87
CA ASP A 249 -9.54 -20.15 31.55
C ASP A 249 -9.45 -20.41 30.04
N LEU A 250 -8.20 -20.54 29.58
CA LEU A 250 -7.95 -20.66 28.14
C LEU A 250 -8.49 -21.98 27.58
N LEU A 251 -8.54 -23.03 28.40
CA LEU A 251 -9.08 -24.30 27.94
C LEU A 251 -10.59 -24.21 27.75
N GLU A 252 -11.30 -23.66 28.74
CA GLU A 252 -12.74 -23.51 28.61
C GLU A 252 -13.11 -22.45 27.57
N CYS A 253 -12.24 -21.46 27.37
CA CYS A 253 -12.53 -20.38 26.43
C CYS A 253 -12.55 -20.89 25.00
N ALA A 254 -11.48 -21.54 24.56
CA ALA A 254 -11.43 -22.07 23.20
C ALA A 254 -12.46 -23.16 22.99
N ASP A 255 -12.79 -23.91 24.04
CA ASP A 255 -13.81 -24.95 23.92
C ASP A 255 -15.19 -24.33 23.76
N ASP A 256 -15.46 -23.24 24.47
CA ASP A 256 -16.76 -22.58 24.36
C ASP A 256 -16.89 -21.75 23.10
N ARG A 257 -15.79 -21.24 22.56
CA ARG A 257 -15.87 -20.51 21.30
C ARG A 257 -16.17 -21.47 20.15
N ALA A 258 -15.62 -22.68 20.20
CA ALA A 258 -15.95 -23.69 19.19
C ALA A 258 -17.42 -24.08 19.27
N ASP A 259 -18.00 -24.12 20.47
CA ASP A 259 -19.42 -24.39 20.60
C ASP A 259 -20.26 -23.24 20.08
N LEU A 260 -19.83 -21.99 20.36
CA LEU A 260 -20.57 -20.83 19.89
C LEU A 260 -20.53 -20.73 18.36
N ALA A 261 -19.36 -20.97 17.77
CA ALA A 261 -19.27 -20.94 16.31
C ALA A 261 -20.06 -22.07 15.68
N LYS A 262 -20.21 -23.20 16.38
CA LYS A 262 -21.01 -24.29 15.85
C LYS A 262 -22.50 -24.01 15.96
N TYR A 263 -22.92 -23.34 17.04
CA TYR A 263 -24.33 -22.97 17.18
C TYR A 263 -24.72 -21.91 16.17
N ILE A 264 -23.83 -20.93 15.94
CA ILE A 264 -24.14 -19.85 15.00
C ILE A 264 -24.26 -20.41 13.59
N CYS A 265 -23.33 -21.28 13.19
CA CYS A 265 -23.34 -21.81 11.83
C CYS A 265 -24.48 -22.79 11.57
N GLU A 266 -25.02 -23.41 12.63
CA GLU A 266 -26.16 -24.31 12.45
C GLU A 266 -27.48 -23.58 12.36
N ASN A 267 -27.53 -22.30 12.74
CA ASN A 267 -28.73 -21.48 12.69
C ASN A 267 -28.46 -20.17 11.96
N GLN A 268 -27.89 -20.28 10.76
CA GLN A 268 -27.58 -19.09 9.98
C GLN A 268 -28.85 -18.35 9.57
N ASP A 269 -29.89 -19.08 9.20
CA ASP A 269 -31.13 -18.45 8.72
C ASP A 269 -31.75 -17.58 9.81
N SER A 270 -31.62 -17.98 11.06
CA SER A 270 -32.15 -17.19 12.17
C SER A 270 -31.19 -16.09 12.63
N ILE A 271 -30.02 -15.97 12.00
CA ILE A 271 -29.02 -15.01 12.45
C ILE A 271 -28.66 -14.05 11.33
N SER A 272 -27.96 -14.54 10.30
CA SER A 272 -27.46 -13.67 9.25
C SER A 272 -27.25 -14.47 7.97
N SER A 273 -27.20 -13.75 6.86
CA SER A 273 -26.95 -14.34 5.55
C SER A 273 -25.48 -14.25 5.13
N LYS A 274 -24.66 -13.53 5.88
CA LYS A 274 -23.24 -13.38 5.55
C LYS A 274 -22.38 -14.49 6.11
N LEU A 275 -22.98 -15.45 6.83
CA LEU A 275 -22.23 -16.51 7.48
C LEU A 275 -22.06 -17.75 6.59
N LYS A 276 -22.65 -17.76 5.40
CA LYS A 276 -22.66 -18.97 4.58
C LYS A 276 -21.25 -19.34 4.12
N GLU A 277 -20.51 -18.37 3.59
CA GLU A 277 -19.21 -18.69 2.98
C GLU A 277 -18.14 -19.01 4.01
N CYS A 278 -18.31 -18.62 5.27
CA CYS A 278 -17.28 -18.80 6.27
C CYS A 278 -17.44 -20.06 7.10
N CYS A 279 -18.66 -20.60 7.22
CA CYS A 279 -18.84 -21.84 7.94
C CYS A 279 -18.30 -23.05 7.19
N GLU A 280 -17.96 -22.89 5.92
CA GLU A 280 -17.34 -23.94 5.12
C GLU A 280 -15.84 -24.04 5.36
N LYS A 281 -15.28 -23.18 6.21
CA LYS A 281 -13.87 -23.15 6.55
C LYS A 281 -13.58 -24.11 7.71
N PRO A 282 -12.32 -24.45 7.94
CA PRO A 282 -11.98 -25.30 9.08
C PRO A 282 -12.41 -24.67 10.40
N LEU A 283 -12.31 -25.48 11.47
CA LEU A 283 -12.82 -25.07 12.77
C LEU A 283 -12.10 -23.84 13.30
N LEU A 284 -10.77 -23.79 13.14
CA LEU A 284 -10.01 -22.66 13.66
C LEU A 284 -10.24 -21.39 12.84
N GLU A 285 -10.43 -21.54 11.53
CA GLU A 285 -10.68 -20.38 10.68
C GLU A 285 -12.13 -19.91 10.77
N LYS A 286 -13.05 -20.81 11.12
CA LYS A 286 -14.47 -20.46 11.13
C LYS A 286 -14.76 -19.36 12.16
N SER A 287 -14.24 -19.52 13.38
CA SER A 287 -14.52 -18.54 14.43
C SER A 287 -13.86 -17.20 14.14
N HIS A 288 -12.76 -17.20 13.40
CA HIS A 288 -12.05 -15.95 13.10
C HIS A 288 -12.89 -15.05 12.22
N CYS A 289 -13.53 -15.61 11.18
CA CYS A 289 -14.29 -14.79 10.25
C CYS A 289 -15.58 -14.26 10.88
N ILE A 290 -16.26 -15.09 11.65
CA ILE A 290 -17.53 -14.69 12.26
C ILE A 290 -17.32 -13.47 13.15
N ALA A 291 -16.16 -13.36 13.80
CA ALA A 291 -15.83 -12.17 14.57
C ALA A 291 -15.52 -10.97 13.70
N GLU A 292 -15.44 -11.15 12.38
CA GLU A 292 -15.16 -10.05 11.46
C GLU A 292 -16.11 -10.01 10.26
N VAL A 293 -17.22 -10.75 10.32
CA VAL A 293 -18.13 -10.79 9.17
C VAL A 293 -18.82 -9.44 8.99
N GLU A 294 -19.26 -9.19 7.76
CA GLU A 294 -19.91 -7.92 7.44
C GLU A 294 -21.28 -7.83 8.10
N ASN A 295 -21.79 -6.61 8.17
CA ASN A 295 -23.11 -6.38 8.74
C ASN A 295 -24.18 -6.91 7.81
N ASP A 296 -25.04 -7.78 8.32
CA ASP A 296 -26.16 -8.29 7.53
C ASP A 296 -27.13 -7.15 7.23
N GLU A 297 -27.78 -7.25 6.07
CA GLU A 297 -28.76 -6.25 5.68
C GLU A 297 -29.92 -6.22 6.67
N MET A 298 -30.17 -5.05 7.25
CA MET A 298 -31.27 -4.92 8.19
C MET A 298 -32.60 -5.11 7.47
N PRO A 299 -33.60 -5.68 8.15
CA PRO A 299 -34.90 -5.90 7.49
C PRO A 299 -35.57 -4.57 7.18
N ALA A 300 -36.09 -4.47 5.95
CA ALA A 300 -36.75 -3.25 5.52
C ALA A 300 -38.10 -3.10 6.21
N ASP A 301 -38.63 -1.87 6.17
CA ASP A 301 -39.92 -1.53 6.75
C ASP A 301 -39.95 -1.83 8.25
N LEU A 302 -38.99 -1.22 8.97
CA LEU A 302 -39.02 -1.39 10.43
C LEU A 302 -39.77 -0.21 11.07
N PRO A 303 -40.55 -0.47 12.11
CA PRO A 303 -41.30 0.60 12.75
C PRO A 303 -40.39 1.55 13.52
N SER A 304 -40.88 2.77 13.71
CA SER A 304 -40.13 3.75 14.48
C SER A 304 -40.12 3.38 15.96
N LEU A 305 -39.03 3.73 16.63
CA LEU A 305 -38.85 3.35 18.02
C LEU A 305 -39.71 4.18 18.97
N ALA A 306 -40.32 5.25 18.50
CA ALA A 306 -41.19 6.05 19.37
C ALA A 306 -42.42 5.24 19.80
N ALA A 307 -42.89 4.33 18.95
CA ALA A 307 -44.11 3.61 19.25
C ALA A 307 -43.95 2.70 20.46
N ASP A 308 -42.83 1.98 20.56
CA ASP A 308 -42.65 1.01 21.63
C ASP A 308 -42.10 1.61 22.91
N PHE A 309 -41.40 2.74 22.83
CA PHE A 309 -40.67 3.27 23.98
C PHE A 309 -41.08 4.67 24.41
N VAL A 310 -41.70 5.46 23.53
CA VAL A 310 -42.13 6.82 23.86
C VAL A 310 -43.65 6.89 24.03
N GLU A 311 -44.40 6.56 22.98
CA GLU A 311 -45.86 6.62 23.02
C GLU A 311 -46.39 5.21 23.33
N SER A 312 -46.37 4.88 24.62
CA SER A 312 -46.92 3.61 25.08
C SER A 312 -47.31 3.76 26.55
N LYS A 313 -48.33 2.98 26.95
CA LYS A 313 -48.85 3.09 28.30
C LYS A 313 -48.03 2.30 29.32
N ASP A 314 -47.38 1.22 28.88
CA ASP A 314 -46.63 0.35 29.77
C ASP A 314 -45.13 0.55 29.66
N VAL A 315 -44.69 1.75 29.28
CA VAL A 315 -43.26 2.04 29.24
C VAL A 315 -42.66 1.92 30.65
N CYS A 316 -43.27 2.59 31.61
CA CYS A 316 -42.79 2.50 32.99
C CYS A 316 -43.19 1.16 33.63
N LYS A 317 -44.26 0.54 33.15
CA LYS A 317 -44.68 -0.75 33.69
C LYS A 317 -43.70 -1.85 33.29
N ASN A 318 -43.36 -1.92 31.99
CA ASN A 318 -42.42 -2.93 31.54
C ASN A 318 -41.00 -2.64 32.01
N TYR A 319 -40.65 -1.36 32.17
CA TYR A 319 -39.32 -1.02 32.65
C TYR A 319 -39.15 -1.37 34.13
N ALA A 320 -40.18 -1.13 34.93
CA ALA A 320 -40.10 -1.47 36.35
C ALA A 320 -40.11 -2.98 36.56
N GLU A 321 -40.75 -3.73 35.67
CA GLU A 321 -40.78 -5.19 35.81
C GLU A 321 -39.42 -5.80 35.52
N ALA A 322 -38.73 -5.30 34.49
CA ALA A 322 -37.40 -5.81 34.14
C ALA A 322 -36.64 -4.67 33.47
N LYS A 323 -35.83 -3.97 34.27
CA LYS A 323 -35.13 -2.78 33.78
C LYS A 323 -34.09 -3.14 32.73
N ASP A 324 -33.13 -4.00 33.09
CA ASP A 324 -32.05 -4.34 32.16
C ASP A 324 -32.59 -5.06 30.93
N VAL A 325 -33.69 -5.79 31.06
CA VAL A 325 -34.29 -6.43 29.90
C VAL A 325 -34.97 -5.40 29.01
N PHE A 326 -35.70 -4.46 29.62
CA PHE A 326 -36.33 -3.40 28.84
C PHE A 326 -35.28 -2.49 28.20
N LEU A 327 -34.23 -2.15 28.94
CA LEU A 327 -33.16 -1.35 28.37
C LEU A 327 -32.38 -2.14 27.31
N GLY A 328 -32.25 -3.45 27.50
CA GLY A 328 -31.58 -4.27 26.50
C GLY A 328 -32.35 -4.33 25.19
N MET A 329 -33.68 -4.33 25.26
CA MET A 329 -34.48 -4.30 24.04
C MET A 329 -34.34 -2.97 23.30
N PHE A 330 -34.26 -1.87 24.05
CA PHE A 330 -34.06 -0.57 23.43
C PHE A 330 -32.72 -0.49 22.71
N LEU A 331 -31.67 -1.05 23.32
CA LEU A 331 -30.36 -1.04 22.68
C LEU A 331 -30.34 -1.92 21.44
N TYR A 332 -30.98 -3.09 21.50
CA TYR A 332 -31.04 -3.98 20.35
C TYR A 332 -31.81 -3.34 19.20
N GLU A 333 -32.92 -2.67 19.50
CA GLU A 333 -33.74 -2.08 18.46
C GLU A 333 -33.09 -0.82 17.87
N TYR A 334 -32.28 -0.10 18.65
CA TYR A 334 -31.62 1.08 18.13
C TYR A 334 -30.33 0.74 17.39
N ALA A 335 -29.65 -0.34 17.79
CA ALA A 335 -28.38 -0.70 17.15
C ALA A 335 -28.60 -1.34 15.79
N ARG A 336 -29.62 -2.19 15.65
CA ARG A 336 -29.86 -2.87 14.38
C ARG A 336 -30.24 -1.90 13.27
N ARG A 337 -30.90 -0.80 13.63
CA ARG A 337 -31.35 0.17 12.63
C ARG A 337 -30.25 1.16 12.23
N HIS A 338 -29.24 1.35 13.07
CA HIS A 338 -28.18 2.33 12.83
C HIS A 338 -26.83 1.61 12.81
N PRO A 339 -26.47 1.00 11.67
CA PRO A 339 -25.09 0.49 11.53
C PRO A 339 -24.07 1.59 11.30
N ASP A 340 -24.52 2.82 11.05
CA ASP A 340 -23.61 3.95 10.85
C ASP A 340 -23.19 4.60 12.17
N TYR A 341 -23.73 4.15 13.30
CA TYR A 341 -23.29 4.63 14.59
C TYR A 341 -22.20 3.70 15.13
N SER A 342 -21.37 4.26 16.01
CA SER A 342 -20.41 3.43 16.72
C SER A 342 -21.10 2.73 17.88
N VAL A 343 -20.48 1.62 18.33
CA VAL A 343 -21.03 0.89 19.47
C VAL A 343 -21.04 1.77 20.71
N VAL A 344 -19.99 2.57 20.88
CA VAL A 344 -19.88 3.42 22.07
C VAL A 344 -20.96 4.50 22.06
N LEU A 345 -21.24 5.07 20.88
CA LEU A 345 -22.30 6.06 20.79
C LEU A 345 -23.66 5.46 21.14
N LEU A 346 -23.92 4.23 20.69
CA LEU A 346 -25.18 3.57 21.01
C LEU A 346 -25.31 3.31 22.51
N LEU A 347 -24.19 3.09 23.20
CA LEU A 347 -24.24 2.89 24.64
C LEU A 347 -24.54 4.19 25.37
N ARG A 348 -24.07 5.32 24.85
CA ARG A 348 -24.40 6.61 25.44
C ARG A 348 -25.90 6.91 25.32
N LEU A 349 -26.47 6.62 24.15
CA LEU A 349 -27.90 6.84 23.96
C LEU A 349 -28.72 5.93 24.87
N ALA A 350 -28.30 4.67 25.03
CA ALA A 350 -28.98 3.78 25.94
C ALA A 350 -28.79 4.22 27.39
N LYS A 351 -27.60 4.74 27.72
CA LYS A 351 -27.38 5.31 29.04
C LYS A 351 -28.22 6.57 29.24
N THR A 352 -28.35 7.38 28.19
CA THR A 352 -29.20 8.57 28.28
C THR A 352 -30.67 8.20 28.43
N TYR A 353 -31.12 7.20 27.67
CA TYR A 353 -32.52 6.78 27.76
C TYR A 353 -32.82 6.17 29.13
N GLU A 354 -31.85 5.46 29.72
CA GLU A 354 -32.06 4.90 31.05
C GLU A 354 -32.22 6.00 32.10
N THR A 355 -31.38 7.03 32.03
CA THR A 355 -31.45 8.10 33.01
C THR A 355 -32.78 8.84 32.94
N THR A 356 -33.32 9.01 31.72
CA THR A 356 -34.61 9.68 31.58
C THR A 356 -35.73 8.86 32.21
N LEU A 357 -35.74 7.55 31.97
CA LEU A 357 -36.79 6.70 32.55
C LEU A 357 -36.72 6.68 34.06
N GLU A 358 -35.51 6.66 34.63
CA GLU A 358 -35.37 6.69 36.07
C GLU A 358 -35.90 7.99 36.65
N LYS A 359 -35.81 9.09 35.89
CA LYS A 359 -36.25 10.40 36.35
C LYS A 359 -37.70 10.69 36.00
N CYS A 360 -38.14 10.28 34.80
CA CYS A 360 -39.46 10.65 34.31
C CYS A 360 -40.56 9.69 34.74
N CYS A 361 -40.25 8.40 34.91
CA CYS A 361 -41.27 7.45 35.34
C CYS A 361 -41.72 7.66 36.78
N ALA A 362 -41.06 8.54 37.52
CA ALA A 362 -41.46 8.80 38.91
C ALA A 362 -42.60 9.78 39.01
N ALA A 363 -42.76 10.66 38.00
CA ALA A 363 -43.82 11.66 38.04
C ALA A 363 -45.19 11.01 37.83
N ALA A 364 -46.23 11.80 38.09
CA ALA A 364 -47.60 11.30 37.94
C ALA A 364 -47.99 11.15 36.48
N ASP A 365 -47.44 11.99 35.60
CA ASP A 365 -47.68 11.93 34.17
C ASP A 365 -46.35 11.65 33.48
N PRO A 366 -45.92 10.38 33.45
CA PRO A 366 -44.60 10.08 32.87
C PRO A 366 -44.52 10.34 31.38
N HIS A 367 -45.59 10.04 30.63
CA HIS A 367 -45.56 10.25 29.18
C HIS A 367 -45.22 11.69 28.84
N GLU A 368 -45.80 12.65 29.58
CA GLU A 368 -45.52 14.05 29.31
C GLU A 368 -44.10 14.44 29.71
N CYS A 369 -43.43 13.62 30.52
CA CYS A 369 -42.06 13.91 30.95
C CYS A 369 -41.03 13.44 29.93
N TYR A 370 -41.05 12.15 29.56
CA TYR A 370 -40.11 11.61 28.60
C TYR A 370 -40.58 11.76 27.15
N ALA A 371 -41.45 12.75 26.89
CA ALA A 371 -41.98 12.93 25.54
C ALA A 371 -40.88 13.28 24.55
N LYS A 372 -39.93 14.13 24.96
CA LYS A 372 -38.85 14.55 24.06
C LYS A 372 -37.54 13.89 24.46
N VAL A 373 -37.56 12.58 24.69
CA VAL A 373 -36.34 11.89 25.10
C VAL A 373 -35.42 11.64 23.90
N PHE A 374 -35.99 11.38 22.71
CA PHE A 374 -35.16 11.13 21.54
C PHE A 374 -34.50 12.40 21.01
N ASP A 375 -35.05 13.57 21.33
CA ASP A 375 -34.39 14.82 20.97
C ASP A 375 -33.09 15.01 21.74
N GLU A 376 -32.97 14.39 22.91
CA GLU A 376 -31.75 14.47 23.70
C GLU A 376 -30.58 13.75 23.02
N PHE A 377 -30.86 12.88 22.06
CA PHE A 377 -29.80 12.15 21.35
C PHE A 377 -29.14 13.00 20.28
N LYS A 378 -29.77 14.10 19.86
CA LYS A 378 -29.24 14.89 18.76
C LYS A 378 -27.83 15.42 19.03
N PRO A 379 -27.53 16.05 20.17
CA PRO A 379 -26.15 16.52 20.37
C PRO A 379 -25.14 15.40 20.50
N LEU A 380 -25.56 14.23 21.00
CA LEU A 380 -24.62 13.13 21.17
C LEU A 380 -24.21 12.52 19.83
N VAL A 381 -25.06 12.61 18.82
CA VAL A 381 -24.72 12.05 17.51
C VAL A 381 -23.77 12.97 16.76
N GLU A 382 -23.94 14.28 16.89
CA GLU A 382 -23.14 15.24 16.14
C GLU A 382 -21.76 15.45 16.73
N GLU A 383 -21.56 15.14 18.00
CA GLU A 383 -20.25 15.39 18.63
C GLU A 383 -19.14 14.55 18.01
N PRO A 384 -19.26 13.22 17.86
CA PRO A 384 -18.16 12.48 17.22
C PRO A 384 -18.03 12.79 15.74
N GLN A 385 -19.12 13.14 15.06
CA GLN A 385 -19.05 13.42 13.63
C GLN A 385 -18.18 14.64 13.35
N ASN A 386 -18.24 15.65 14.22
CA ASN A 386 -17.42 16.83 14.03
C ASN A 386 -15.94 16.53 14.24
N LEU A 387 -15.63 15.68 15.23
CA LEU A 387 -14.25 15.31 15.48
C LEU A 387 -13.68 14.49 14.32
N ILE A 388 -14.46 13.54 13.81
CA ILE A 388 -13.98 12.69 12.73
C ILE A 388 -13.86 13.48 11.43
N LYS A 389 -14.81 14.39 11.19
CA LYS A 389 -14.76 15.20 9.97
C LYS A 389 -13.55 16.14 9.99
N GLN A 390 -13.26 16.74 11.14
CA GLN A 390 -12.15 17.69 11.21
C GLN A 390 -10.81 16.97 11.19
N ASN A 391 -10.71 15.82 11.87
CA ASN A 391 -9.44 15.10 11.94
C ASN A 391 -9.12 14.37 10.63
N CYS A 392 -10.13 13.86 9.93
CA CYS A 392 -9.85 13.24 8.63
C CYS A 392 -9.42 14.28 7.61
N GLU A 393 -9.95 15.50 7.69
CA GLU A 393 -9.45 16.57 6.84
C GLU A 393 -8.00 16.91 7.17
N LEU A 394 -7.63 16.82 8.46
CA LEU A 394 -6.25 17.08 8.84
C LEU A 394 -5.32 15.95 8.42
N PHE A 395 -5.81 14.71 8.43
CA PHE A 395 -4.97 13.59 8.03
C PHE A 395 -4.76 13.55 6.53
N GLU A 396 -5.82 13.84 5.76
CA GLU A 396 -5.73 13.82 4.30
C GLU A 396 -4.81 14.91 3.75
N GLN A 397 -4.64 15.99 4.49
CA GLN A 397 -3.76 17.09 4.07
C GLN A 397 -2.37 17.00 4.68
N LEU A 398 -2.09 15.97 5.48
CA LEU A 398 -0.80 15.84 6.15
C LEU A 398 -0.12 14.49 5.88
N GLY A 399 -0.89 13.42 5.74
CA GLY A 399 -0.32 12.09 5.66
C GLY A 399 -0.15 11.47 7.04
N GLU A 400 -0.06 10.14 7.05
CA GLU A 400 -0.10 9.40 8.31
C GLU A 400 1.01 9.83 9.26
N TYR A 401 2.25 9.87 8.77
CA TYR A 401 3.37 10.20 9.65
C TYR A 401 3.24 11.62 10.20
N LYS A 402 2.89 12.57 9.34
CA LYS A 402 2.67 13.94 9.81
C LYS A 402 1.41 14.02 10.67
N PHE A 403 0.41 13.18 10.39
CA PHE A 403 -0.79 13.15 11.22
C PHE A 403 -0.49 12.60 12.61
N GLN A 404 0.48 11.69 12.72
CA GLN A 404 0.91 11.19 14.02
C GLN A 404 1.58 12.30 14.82
N ASN A 405 2.48 13.05 14.17
CA ASN A 405 3.19 14.12 14.86
C ASN A 405 2.23 15.22 15.31
N ALA A 406 1.22 15.52 14.50
CA ALA A 406 0.23 16.52 14.90
C ALA A 406 -0.57 16.03 16.10
N LEU A 407 -0.97 14.76 16.11
CA LEU A 407 -1.65 14.20 17.27
C LEU A 407 -0.69 13.97 18.42
N LEU A 408 0.59 13.74 18.12
CA LEU A 408 1.58 13.56 19.18
C LEU A 408 1.72 14.84 20.01
N VAL A 409 1.92 15.97 19.35
CA VAL A 409 2.04 17.24 20.05
C VAL A 409 0.74 17.57 20.78
N ARG A 410 -0.40 17.21 20.17
CA ARG A 410 -1.70 17.52 20.78
C ARG A 410 -1.86 16.80 22.10
N TYR A 411 -1.66 15.48 22.12
CA TYR A 411 -1.85 14.71 23.34
C TYR A 411 -0.70 14.88 24.33
N THR A 412 0.49 15.27 23.86
CA THR A 412 1.56 15.59 24.80
C THR A 412 1.26 16.87 25.55
N LYS A 413 0.69 17.87 24.87
CA LYS A 413 0.26 19.08 25.55
C LYS A 413 -0.93 18.80 26.46
N LYS A 414 -1.81 17.89 26.05
CA LYS A 414 -2.93 17.50 26.91
C LYS A 414 -2.43 16.92 28.22
N VAL A 415 -1.67 15.83 28.15
CA VAL A 415 -1.17 15.17 29.35
C VAL A 415 0.34 14.98 29.22
N PRO A 416 1.14 15.93 29.71
CA PRO A 416 2.61 15.80 29.59
C PRO A 416 3.24 14.91 30.64
N GLN A 417 2.48 14.44 31.63
CA GLN A 417 3.06 13.61 32.67
C GLN A 417 3.32 12.18 32.21
N VAL A 418 2.53 11.68 31.25
CA VAL A 418 2.70 10.31 30.78
C VAL A 418 4.09 10.13 30.20
N SER A 419 4.66 8.94 30.40
CA SER A 419 6.01 8.66 29.95
C SER A 419 6.10 8.81 28.43
N THR A 420 7.30 9.17 27.96
CA THR A 420 7.53 9.34 26.53
C THR A 420 7.28 8.07 25.73
N PRO A 421 7.75 6.88 26.14
CA PRO A 421 7.45 5.68 25.33
C PRO A 421 5.96 5.37 25.25
N THR A 422 5.20 5.67 26.31
CA THR A 422 3.76 5.45 26.25
C THR A 422 3.09 6.47 25.34
N LEU A 423 3.52 7.74 25.41
CA LEU A 423 2.95 8.77 24.55
C LEU A 423 3.26 8.51 23.07
N VAL A 424 4.43 7.96 22.78
CA VAL A 424 4.81 7.71 21.39
C VAL A 424 3.94 6.62 20.79
N GLU A 425 3.85 5.46 21.45
CA GLU A 425 3.10 4.34 20.91
C GLU A 425 1.63 4.68 20.76
N VAL A 426 1.04 5.31 21.78
CA VAL A 426 -0.39 5.61 21.72
C VAL A 426 -0.69 6.61 20.61
N SER A 427 0.13 7.66 20.50
CA SER A 427 -0.09 8.65 19.45
C SER A 427 0.20 8.09 18.07
N ARG A 428 1.14 7.15 17.96
CA ARG A 428 1.38 6.50 16.67
C ARG A 428 0.18 5.68 16.25
N ASN A 429 -0.43 4.95 17.19
CA ASN A 429 -1.65 4.21 16.89
C ASN A 429 -2.85 5.13 16.74
N LEU A 430 -2.79 6.34 17.29
CA LEU A 430 -3.86 7.32 17.06
C LEU A 430 -3.81 7.89 15.66
N GLY A 431 -2.68 7.77 14.96
CA GLY A 431 -2.58 8.24 13.60
C GLY A 431 -2.98 7.18 12.60
N LYS A 432 -2.95 5.91 13.04
CA LYS A 432 -3.29 4.81 12.14
C LYS A 432 -4.78 4.72 11.90
N VAL A 433 -5.61 5.38 12.72
CA VAL A 433 -7.05 5.38 12.47
C VAL A 433 -7.38 6.21 11.23
N GLY A 434 -6.56 7.20 10.91
CA GLY A 434 -6.76 7.95 9.68
C GLY A 434 -6.53 7.09 8.45
N SER A 435 -5.44 6.32 8.45
CA SER A 435 -5.19 5.40 7.35
C SER A 435 -6.19 4.25 7.34
N LYS A 436 -6.77 3.94 8.51
CA LYS A 436 -7.70 2.82 8.61
C LYS A 436 -9.07 3.18 8.04
N CYS A 437 -9.66 4.30 8.48
CA CYS A 437 -11.05 4.56 8.11
C CYS A 437 -11.39 6.02 7.83
N CYS A 438 -10.41 6.87 7.48
CA CYS A 438 -10.76 8.16 6.88
C CYS A 438 -11.05 8.01 5.40
N LYS A 439 -10.67 6.89 4.79
CA LYS A 439 -11.04 6.59 3.42
C LYS A 439 -12.49 6.13 3.28
N HIS A 440 -13.11 5.69 4.38
CA HIS A 440 -14.48 5.22 4.33
C HIS A 440 -15.43 6.40 4.12
N PRO A 441 -16.58 6.15 3.49
CA PRO A 441 -17.64 7.18 3.46
C PRO A 441 -18.21 7.39 4.84
N GLU A 442 -18.98 8.48 4.98
CA GLU A 442 -19.53 8.83 6.28
C GLU A 442 -20.49 7.79 6.83
N ALA A 443 -21.01 6.91 5.97
CA ALA A 443 -21.90 5.86 6.44
C ALA A 443 -21.17 4.80 7.25
N LYS A 444 -19.89 4.57 6.93
CA LYS A 444 -19.08 3.60 7.66
C LYS A 444 -17.86 4.23 8.32
N ARG A 445 -17.79 5.56 8.35
CA ARG A 445 -16.61 6.22 8.92
C ARG A 445 -16.69 6.28 10.45
N MET A 446 -17.85 6.66 10.99
CA MET A 446 -17.97 6.80 12.44
C MET A 446 -17.86 5.47 13.17
N PRO A 447 -18.54 4.38 12.77
CA PRO A 447 -18.44 3.14 13.56
C PRO A 447 -17.03 2.62 13.68
N CYS A 448 -16.22 2.75 12.63
CA CYS A 448 -14.86 2.24 12.67
C CYS A 448 -13.91 3.20 13.36
N ALA A 449 -14.05 4.50 13.09
CA ALA A 449 -13.11 5.47 13.64
C ALA A 449 -13.21 5.54 15.16
N GLU A 450 -14.43 5.59 15.69
CA GLU A 450 -14.59 5.77 17.13
C GLU A 450 -14.31 4.47 17.89
N ASP A 451 -14.79 3.33 17.38
CA ASP A 451 -14.52 2.06 18.05
C ASP A 451 -13.03 1.72 18.01
N TYR A 452 -12.31 2.20 17.00
CA TYR A 452 -10.86 2.06 17.00
C TYR A 452 -10.22 2.95 18.07
N LEU A 453 -10.73 4.17 18.23
CA LEU A 453 -10.19 5.08 19.24
C LEU A 453 -10.37 4.51 20.65
N SER A 454 -11.50 3.84 20.89
CA SER A 454 -11.72 3.23 22.20
C SER A 454 -10.68 2.16 22.50
N VAL A 455 -10.20 1.47 21.48
CA VAL A 455 -9.15 0.46 21.69
C VAL A 455 -7.82 1.15 21.96
N VAL A 456 -7.47 2.15 21.15
CA VAL A 456 -6.17 2.81 21.29
C VAL A 456 -6.12 3.61 22.59
N LEU A 457 -7.24 4.25 22.96
CA LEU A 457 -7.26 4.98 24.23
C LEU A 457 -7.15 4.02 25.40
N ASN A 458 -7.78 2.83 25.30
CA ASN A 458 -7.64 1.84 26.36
C ASN A 458 -6.21 1.33 26.46
N GLN A 459 -5.45 1.38 25.37
CA GLN A 459 -4.03 1.08 25.45
C GLN A 459 -3.32 2.08 26.36
N LEU A 460 -3.63 3.38 26.17
CA LEU A 460 -3.11 4.39 27.09
C LEU A 460 -3.62 4.18 28.51
N CYS A 461 -4.84 3.64 28.65
CA CYS A 461 -5.39 3.39 29.98
C CYS A 461 -4.55 2.39 30.75
N VAL A 462 -4.31 1.22 30.15
CA VAL A 462 -3.61 0.15 30.87
C VAL A 462 -2.12 0.41 30.98
N LEU A 463 -1.53 1.11 30.00
CA LEU A 463 -0.11 1.45 30.10
C LEU A 463 0.14 2.47 31.19
N HIS A 464 -0.84 3.34 31.45
CA HIS A 464 -0.75 4.32 32.53
C HIS A 464 -1.25 3.76 33.86
N GLU A 465 -2.05 2.69 33.83
CA GLU A 465 -2.58 2.12 35.07
C GLU A 465 -1.47 1.57 35.95
N LYS A 466 -0.44 0.97 35.35
CA LYS A 466 0.62 0.34 36.13
C LYS A 466 1.39 1.36 36.95
N THR A 467 1.79 2.46 36.32
CA THR A 467 2.55 3.53 36.97
C THR A 467 1.82 4.84 36.77
N PRO A 468 0.81 5.13 37.60
CA PRO A 468 0.04 6.37 37.44
C PRO A 468 0.91 7.59 37.71
N VAL A 469 0.98 8.48 36.72
CA VAL A 469 1.74 9.72 36.84
C VAL A 469 0.90 10.96 36.61
N SER A 470 -0.31 10.82 36.06
CA SER A 470 -1.19 11.94 35.80
C SER A 470 -2.59 11.62 36.29
N ASP A 471 -3.21 12.56 36.99
CA ASP A 471 -4.56 12.36 37.50
C ASP A 471 -5.62 12.57 36.44
N ARG A 472 -5.32 13.32 35.37
CA ARG A 472 -6.30 13.57 34.34
C ARG A 472 -6.54 12.32 33.48
N VAL A 473 -5.47 11.60 33.16
CA VAL A 473 -5.61 10.32 32.48
C VAL A 473 -6.42 9.35 33.33
N THR A 474 -6.02 9.19 34.60
CA THR A 474 -6.74 8.31 35.52
C THR A 474 -8.22 8.69 35.60
N LYS A 475 -8.52 10.00 35.54
CA LYS A 475 -9.91 10.44 35.59
C LYS A 475 -10.68 10.00 34.35
N CYS A 476 -10.15 10.32 33.16
CA CYS A 476 -10.83 9.93 31.92
C CYS A 476 -10.85 8.43 31.71
N CYS A 477 -9.93 7.68 32.32
CA CYS A 477 -9.90 6.24 32.15
C CYS A 477 -10.95 5.56 33.02
N THR A 478 -11.01 5.91 34.29
CA THR A 478 -11.90 5.28 35.26
C THR A 478 -13.27 5.94 35.33
N GLU A 479 -13.54 6.94 34.50
CA GLU A 479 -14.79 7.68 34.55
C GLU A 479 -15.98 6.78 34.22
N SER A 480 -16.16 6.47 32.92
CA SER A 480 -17.33 5.69 32.53
C SER A 480 -17.11 4.86 31.27
N LEU A 481 -15.86 4.64 30.85
CA LEU A 481 -15.53 3.79 29.70
C LEU A 481 -16.13 4.31 28.40
N VAL A 482 -17.45 4.45 28.34
CA VAL A 482 -18.10 4.90 27.12
C VAL A 482 -17.78 6.37 26.84
N ASN A 483 -17.50 7.16 27.87
CA ASN A 483 -17.15 8.56 27.69
C ASN A 483 -15.63 8.77 27.70
N ARG A 484 -14.85 7.73 27.39
CA ARG A 484 -13.40 7.89 27.39
C ARG A 484 -12.94 8.78 26.26
N ARG A 485 -13.47 8.58 25.04
CA ARG A 485 -13.07 9.44 23.93
C ARG A 485 -13.54 10.87 24.12
N PRO A 486 -14.79 11.15 24.50
CA PRO A 486 -15.16 12.56 24.75
C PRO A 486 -14.37 13.18 25.89
N CYS A 487 -14.07 12.40 26.94
CA CYS A 487 -13.28 12.93 28.05
C CYS A 487 -11.88 13.33 27.59
N PHE A 488 -11.22 12.45 26.81
CA PHE A 488 -9.89 12.76 26.32
C PHE A 488 -9.92 13.87 25.27
N SER A 489 -10.93 13.85 24.39
CA SER A 489 -11.02 14.88 23.37
C SER A 489 -11.35 16.24 23.95
N ALA A 490 -12.09 16.29 25.05
CA ALA A 490 -12.40 17.55 25.70
C ALA A 490 -11.25 18.10 26.54
N LEU A 491 -10.18 17.32 26.72
CA LEU A 491 -9.03 17.82 27.46
C LEU A 491 -8.35 18.96 26.71
N GLU A 492 -7.76 19.88 27.47
CA GLU A 492 -7.06 21.03 26.92
C GLU A 492 -5.61 21.00 27.38
N VAL A 493 -4.87 22.03 26.99
CA VAL A 493 -3.44 22.08 27.32
C VAL A 493 -3.29 22.22 28.83
N ASP A 494 -2.46 21.37 29.41
CA ASP A 494 -2.24 21.34 30.86
C ASP A 494 -1.36 22.53 31.23
N GLU A 495 -1.98 23.58 31.74
CA GLU A 495 -1.23 24.77 32.12
C GLU A 495 -0.50 24.61 33.44
N THR A 496 -0.99 23.73 34.32
CA THR A 496 -0.34 23.52 35.61
C THR A 496 0.96 22.74 35.48
N TYR A 497 1.19 22.08 34.35
CA TYR A 497 2.40 21.30 34.17
C TYR A 497 3.62 22.21 34.07
N VAL A 498 4.65 21.91 34.86
CA VAL A 498 5.89 22.67 34.82
C VAL A 498 6.80 22.07 33.75
N PRO A 499 7.52 22.88 32.98
CA PRO A 499 8.39 22.32 31.94
C PRO A 499 9.52 21.50 32.54
N LYS A 500 9.85 20.40 31.86
CA LYS A 500 10.94 19.55 32.31
C LYS A 500 12.29 20.22 32.07
N GLU A 501 13.23 19.96 32.97
CA GLU A 501 14.56 20.52 32.86
C GLU A 501 15.27 19.97 31.62
N PHE A 502 16.20 20.77 31.10
CA PHE A 502 16.89 20.39 29.88
C PHE A 502 17.90 19.28 30.14
N ASN A 503 18.10 18.43 29.13
CA ASN A 503 19.05 17.33 29.23
C ASN A 503 19.65 17.11 27.84
N ALA A 504 20.93 17.48 27.68
CA ALA A 504 21.58 17.36 26.38
C ALA A 504 21.84 15.91 26.00
N GLU A 505 21.85 14.99 26.97
CA GLU A 505 22.07 13.58 26.66
C GLU A 505 20.87 12.95 25.96
N THR A 506 19.70 13.60 26.01
CA THR A 506 18.53 13.06 25.34
C THR A 506 18.60 13.25 23.83
N PHE A 507 19.14 14.38 23.39
CA PHE A 507 19.17 14.73 21.97
C PHE A 507 20.50 14.40 21.31
N THR A 508 21.34 13.59 21.95
CA THR A 508 22.56 13.10 21.32
C THR A 508 22.27 11.79 20.60
N PHE A 509 23.02 11.55 19.53
CA PHE A 509 22.80 10.38 18.69
C PHE A 509 24.13 9.82 18.20
N HIS A 510 24.07 8.59 17.71
CA HIS A 510 25.23 7.89 17.17
C HIS A 510 24.86 7.25 15.85
N ALA A 511 25.84 6.57 15.23
CA ALA A 511 25.62 5.94 13.93
C ALA A 511 24.69 4.73 14.02
N ASP A 512 24.26 4.34 15.22
CA ASP A 512 23.37 3.19 15.35
C ASP A 512 21.99 3.50 14.78
N ILE A 513 21.61 4.77 14.72
CA ILE A 513 20.31 5.15 14.16
C ILE A 513 20.28 4.91 12.65
N CYS A 514 21.44 4.87 11.99
CA CYS A 514 21.47 4.66 10.55
C CYS A 514 21.21 3.21 10.18
N THR A 515 21.60 2.26 11.03
CA THR A 515 21.34 0.85 10.77
C THR A 515 19.90 0.45 11.08
N LEU A 516 19.18 1.29 11.82
CA LEU A 516 17.79 1.00 12.15
C LEU A 516 16.91 1.12 10.91
N SER A 517 15.77 0.41 10.96
CA SER A 517 14.81 0.49 9.88
C SER A 517 14.15 1.87 9.84
N GLU A 518 13.46 2.14 8.74
CA GLU A 518 12.82 3.44 8.57
C GLU A 518 11.72 3.66 9.61
N LYS A 519 10.93 2.62 9.88
CA LYS A 519 9.89 2.74 10.90
C LYS A 519 10.50 2.90 12.29
N GLU A 520 11.59 2.19 12.58
CA GLU A 520 12.28 2.35 13.85
C GLU A 520 13.01 3.68 13.95
N ARG A 521 13.35 4.28 12.81
CA ARG A 521 14.04 5.57 12.84
C ARG A 521 13.09 6.71 13.16
N GLN A 522 11.86 6.65 12.63
CA GLN A 522 10.89 7.71 12.91
C GLN A 522 10.39 7.63 14.35
N ILE A 523 10.36 6.43 14.93
CA ILE A 523 10.07 6.32 16.36
C ILE A 523 11.16 6.99 17.17
N LYS A 524 12.41 6.86 16.74
CA LYS A 524 13.50 7.59 17.37
C LYS A 524 13.32 9.10 17.22
N LYS A 525 12.74 9.54 16.10
CA LYS A 525 12.50 10.96 15.89
C LYS A 525 11.29 11.45 16.67
N GLN A 526 10.21 10.67 16.68
CA GLN A 526 9.02 11.07 17.43
C GLN A 526 9.28 11.08 18.93
N THR A 527 10.21 10.24 19.41
CA THR A 527 10.55 10.24 20.82
C THR A 527 11.17 11.57 21.24
N ALA A 528 12.05 12.12 20.41
CA ALA A 528 12.66 13.41 20.72
C ALA A 528 11.65 14.55 20.64
N LEU A 529 10.60 14.39 19.82
CA LEU A 529 9.59 15.43 19.72
C LEU A 529 8.76 15.51 21.00
N VAL A 530 8.49 14.37 21.64
CA VAL A 530 7.74 14.38 22.89
C VAL A 530 8.53 15.10 23.97
N GLU A 531 9.82 14.78 24.09
CA GLU A 531 10.66 15.47 25.06
C GLU A 531 10.78 16.95 24.74
N LEU A 532 10.69 17.31 23.46
CA LEU A 532 10.76 18.71 23.08
C LEU A 532 9.49 19.45 23.48
N VAL A 533 8.33 18.81 23.33
CA VAL A 533 7.08 19.44 23.74
C VAL A 533 6.99 19.51 25.27
N LYS A 534 7.51 18.48 25.95
CA LYS A 534 7.52 18.51 27.41
C LYS A 534 8.41 19.63 27.94
N HIS A 535 9.54 19.88 27.26
CA HIS A 535 10.47 20.90 27.72
C HIS A 535 9.96 22.31 27.42
N LYS A 536 9.31 22.49 26.27
CA LYS A 536 8.74 23.78 25.87
C LYS A 536 7.26 23.61 25.63
N PRO A 537 6.45 23.60 26.70
CA PRO A 537 5.00 23.43 26.51
C PRO A 537 4.33 24.59 25.79
N LYS A 538 4.93 25.78 25.81
CA LYS A 538 4.36 26.95 25.15
C LYS A 538 4.98 27.21 23.79
N ALA A 539 5.69 26.25 23.22
CA ALA A 539 6.31 26.43 21.91
C ALA A 539 5.24 26.40 20.82
N THR A 540 5.29 27.36 19.91
CA THR A 540 4.31 27.43 18.84
C THR A 540 4.50 26.28 17.86
N LYS A 541 3.48 26.05 17.03
CA LYS A 541 3.51 24.93 16.10
C LYS A 541 4.60 25.07 15.06
N GLU A 542 4.94 26.30 14.67
CA GLU A 542 5.95 26.51 13.64
C GLU A 542 7.36 26.36 14.20
N GLN A 543 7.57 26.73 15.47
CA GLN A 543 8.88 26.54 16.08
C GLN A 543 9.21 25.07 16.25
N LEU A 544 8.20 24.25 16.54
CA LEU A 544 8.40 22.81 16.62
C LEU A 544 8.81 22.22 15.28
N LYS A 545 8.36 22.83 14.18
CA LYS A 545 8.74 22.35 12.86
C LYS A 545 10.19 22.68 12.55
N ALA A 546 10.66 23.86 12.96
CA ALA A 546 12.01 24.29 12.62
C ALA A 546 13.06 23.32 13.17
N VAL A 547 12.87 22.87 14.40
CA VAL A 547 13.81 21.91 14.99
C VAL A 547 13.56 20.50 14.45
N MET A 548 12.30 20.14 14.20
CA MET A 548 12.00 18.82 13.64
C MET A 548 12.45 18.72 12.19
N ASP A 549 12.30 19.80 11.42
CA ASP A 549 12.85 19.82 10.07
C ASP A 549 14.38 19.86 10.11
N ASP A 550 14.95 20.58 11.09
CA ASP A 550 16.38 20.50 11.32
C ASP A 550 16.80 19.08 11.69
N PHE A 551 15.99 18.41 12.50
CA PHE A 551 16.33 17.06 12.95
C PHE A 551 16.31 16.07 11.78
N ALA A 552 15.26 16.12 10.96
CA ALA A 552 15.13 15.15 9.87
C ALA A 552 16.27 15.29 8.87
N ALA A 553 16.65 16.52 8.54
CA ALA A 553 17.77 16.72 7.62
C ALA A 553 19.11 16.42 8.29
N PHE A 554 19.21 16.63 9.60
CA PHE A 554 20.47 16.38 10.29
C PHE A 554 20.77 14.90 10.42
N VAL A 555 19.73 14.06 10.55
CA VAL A 555 19.95 12.62 10.56
C VAL A 555 20.28 12.13 9.16
N GLU A 556 19.57 12.64 8.15
CA GLU A 556 19.85 12.24 6.76
C GLU A 556 21.23 12.72 6.33
N LYS A 557 21.66 13.89 6.81
CA LYS A 557 22.98 14.39 6.48
C LYS A 557 24.07 13.55 7.14
N CYS A 558 23.89 13.22 8.42
CA CYS A 558 24.92 12.49 9.15
C CYS A 558 25.00 11.03 8.70
N CYS A 559 23.85 10.39 8.49
CA CYS A 559 23.87 8.98 8.09
C CYS A 559 24.42 8.80 6.68
N LYS A 560 24.21 9.78 5.79
CA LYS A 560 24.66 9.62 4.41
C LYS A 560 26.15 9.92 4.26
N ALA A 561 26.73 10.71 5.16
CA ALA A 561 28.12 11.11 5.06
C ALA A 561 29.04 9.96 5.46
N ASP A 562 30.35 10.22 5.43
CA ASP A 562 31.34 9.20 5.74
C ASP A 562 31.80 9.24 7.19
N ASP A 563 31.80 10.41 7.83
CA ASP A 563 32.16 10.50 9.24
C ASP A 563 31.10 9.81 10.07
N LYS A 564 31.46 8.67 10.68
CA LYS A 564 30.48 7.84 11.36
C LYS A 564 29.87 8.55 12.56
N GLU A 565 30.68 8.83 13.57
CA GLU A 565 30.20 9.52 14.77
C GLU A 565 30.67 10.97 14.86
N THR A 566 31.34 11.48 13.82
CA THR A 566 31.81 12.86 13.88
C THR A 566 30.70 13.85 13.52
N CYS A 567 29.85 13.49 12.56
CA CYS A 567 28.72 14.35 12.21
C CYS A 567 27.75 14.47 13.38
N PHE A 568 27.48 13.37 14.08
CA PHE A 568 26.56 13.42 15.22
C PHE A 568 27.18 14.16 16.40
N ALA A 569 28.47 13.91 16.67
CA ALA A 569 29.10 14.53 17.83
C ALA A 569 29.33 16.02 17.62
N GLU A 570 29.79 16.41 16.43
CA GLU A 570 30.02 17.82 16.15
C GLU A 570 28.73 18.61 16.14
N GLU A 571 27.62 17.98 15.73
CA GLU A 571 26.31 18.61 15.77
C GLU A 571 25.66 18.55 17.15
N GLY A 572 26.41 18.13 18.17
CA GLY A 572 25.89 18.08 19.52
C GLY A 572 25.92 19.43 20.23
N LYS A 573 25.94 20.50 19.45
CA LYS A 573 25.96 21.85 19.99
C LYS A 573 24.90 22.72 19.32
N HIS B 3 32.47 23.13 -31.03
CA HIS B 3 32.83 21.74 -30.79
C HIS B 3 33.82 21.26 -31.83
N LYS B 4 35.11 21.47 -31.57
CA LYS B 4 36.13 21.08 -32.53
C LYS B 4 36.37 19.57 -32.51
N SER B 5 36.38 18.97 -31.32
CA SER B 5 36.65 17.55 -31.17
C SER B 5 35.40 16.72 -30.93
N GLU B 6 34.27 17.35 -30.61
CA GLU B 6 33.00 16.66 -30.38
C GLU B 6 33.08 15.67 -29.22
N VAL B 7 33.96 14.68 -29.34
CA VAL B 7 34.05 13.65 -28.30
C VAL B 7 34.57 14.25 -26.99
N ALA B 8 35.66 15.02 -27.08
CA ALA B 8 36.20 15.66 -25.89
C ALA B 8 35.28 16.74 -25.33
N HIS B 9 34.42 17.32 -26.17
CA HIS B 9 33.45 18.29 -25.67
C HIS B 9 32.41 17.60 -24.80
N ARG B 10 31.80 16.54 -25.31
CA ARG B 10 30.83 15.78 -24.51
C ARG B 10 31.50 15.14 -23.30
N PHE B 11 32.79 14.81 -23.40
CA PHE B 11 33.50 14.26 -22.25
C PHE B 11 33.73 15.31 -21.18
N LYS B 12 34.05 16.54 -21.58
CA LYS B 12 34.34 17.59 -20.61
C LYS B 12 33.06 18.11 -19.96
N ASP B 13 31.94 18.12 -20.68
CA ASP B 13 30.70 18.65 -20.11
C ASP B 13 30.02 17.64 -19.20
N LEU B 14 30.00 16.37 -19.58
CA LEU B 14 29.31 15.34 -18.80
C LEU B 14 30.16 14.76 -17.68
N GLY B 15 31.47 14.77 -17.82
CA GLY B 15 32.34 14.13 -16.86
C GLY B 15 32.66 12.70 -17.25
N GLU B 16 33.71 12.17 -16.63
CA GLU B 16 34.18 10.83 -16.99
C GLU B 16 33.19 9.74 -16.56
N GLU B 17 32.52 9.92 -15.42
CA GLU B 17 31.61 8.90 -14.94
C GLU B 17 30.35 8.82 -15.81
N ASN B 18 29.74 9.97 -16.09
CA ASN B 18 28.56 9.99 -16.95
C ASN B 18 28.91 9.59 -18.38
N PHE B 19 30.15 9.85 -18.81
CA PHE B 19 30.56 9.45 -20.16
C PHE B 19 30.60 7.93 -20.28
N LYS B 20 31.32 7.27 -19.37
CA LYS B 20 31.46 5.81 -19.44
C LYS B 20 30.13 5.10 -19.26
N ALA B 21 29.23 5.67 -18.46
CA ALA B 21 27.93 5.04 -18.24
C ALA B 21 27.06 5.14 -19.50
N LEU B 22 27.00 6.34 -20.08
CA LEU B 22 26.17 6.53 -21.28
C LEU B 22 26.71 5.73 -22.46
N VAL B 23 28.04 5.61 -22.57
CA VAL B 23 28.62 4.81 -23.65
C VAL B 23 28.23 3.34 -23.47
N LEU B 24 28.25 2.85 -22.24
CA LEU B 24 27.84 1.46 -21.99
C LEU B 24 26.38 1.26 -22.32
N ILE B 25 25.53 2.24 -22.00
CA ILE B 25 24.11 2.13 -22.31
C ILE B 25 23.89 2.14 -23.82
N ALA B 26 24.58 3.03 -24.54
CA ALA B 26 24.42 3.09 -25.99
C ALA B 26 24.87 1.80 -26.64
N PHE B 27 25.94 1.18 -26.14
CA PHE B 27 26.37 -0.11 -26.69
C PHE B 27 25.41 -1.21 -26.29
N ALA B 28 24.92 -1.20 -25.05
CA ALA B 28 24.00 -2.22 -24.60
C ALA B 28 22.63 -2.15 -25.28
N GLN B 29 22.26 -0.97 -25.80
CA GLN B 29 20.98 -0.86 -26.49
C GLN B 29 21.09 -1.26 -27.96
N TYR B 30 22.18 -0.88 -28.62
CA TYR B 30 22.39 -1.26 -30.02
C TYR B 30 22.58 -2.77 -30.13
N LEU B 31 23.61 -3.30 -29.46
CA LEU B 31 23.89 -4.73 -29.44
C LEU B 31 23.46 -5.29 -28.08
N GLN B 32 22.40 -6.09 -28.09
CA GLN B 32 21.83 -6.63 -26.85
C GLN B 32 22.28 -8.05 -26.56
N GLN B 33 22.72 -8.80 -27.57
CA GLN B 33 23.14 -10.18 -27.38
C GLN B 33 24.59 -10.32 -26.95
N CYS B 34 25.40 -9.30 -27.15
CA CYS B 34 26.80 -9.39 -26.77
C CYS B 34 26.93 -9.47 -25.25
N PRO B 35 27.82 -10.32 -24.74
CA PRO B 35 27.97 -10.46 -23.29
C PRO B 35 28.44 -9.16 -22.63
N PHE B 36 28.41 -9.17 -21.29
CA PHE B 36 28.76 -7.99 -20.52
C PHE B 36 30.25 -7.68 -20.62
N GLU B 37 31.09 -8.71 -20.63
CA GLU B 37 32.53 -8.49 -20.66
C GLU B 37 32.99 -7.86 -21.96
N ASP B 38 32.33 -8.20 -23.08
CA ASP B 38 32.71 -7.63 -24.37
C ASP B 38 32.35 -6.15 -24.46
N HIS B 39 31.25 -5.74 -23.83
CA HIS B 39 30.86 -4.33 -23.87
C HIS B 39 31.81 -3.47 -23.05
N VAL B 40 32.17 -3.94 -21.85
CA VAL B 40 33.07 -3.17 -20.99
C VAL B 40 34.40 -2.91 -21.67
N LYS B 41 34.86 -3.87 -22.49
CA LYS B 41 36.09 -3.65 -23.25
C LYS B 41 35.93 -2.48 -24.23
N LEU B 42 34.83 -2.47 -24.97
CA LEU B 42 34.62 -1.41 -25.97
C LEU B 42 34.41 -0.05 -25.31
N VAL B 43 33.78 -0.03 -24.14
CA VAL B 43 33.53 1.24 -23.45
C VAL B 43 34.85 1.83 -22.94
N ASN B 44 35.68 1.00 -22.33
CA ASN B 44 36.98 1.48 -21.83
C ASN B 44 37.91 1.85 -22.99
N GLU B 45 37.77 1.20 -24.14
CA GLU B 45 38.53 1.60 -25.31
C GLU B 45 38.14 3.01 -25.75
N VAL B 46 36.84 3.27 -25.87
CA VAL B 46 36.38 4.61 -26.22
C VAL B 46 36.72 5.61 -25.12
N THR B 47 36.69 5.16 -23.85
CA THR B 47 37.06 6.05 -22.75
C THR B 47 38.51 6.51 -22.88
N GLU B 48 39.39 5.63 -23.34
CA GLU B 48 40.77 6.02 -23.58
C GLU B 48 40.89 6.94 -24.78
N PHE B 49 39.99 6.79 -25.77
CA PHE B 49 40.02 7.67 -26.93
C PHE B 49 39.69 9.10 -26.54
N ALA B 50 38.60 9.30 -25.80
CA ALA B 50 38.20 10.63 -25.38
C ALA B 50 39.23 11.27 -24.46
N LYS B 51 39.99 10.46 -23.72
CA LYS B 51 41.02 10.99 -22.85
C LYS B 51 42.15 11.62 -23.68
N THR B 52 42.46 11.04 -24.84
CA THR B 52 43.49 11.61 -25.70
C THR B 52 43.00 12.89 -26.38
N CYS B 53 41.69 13.03 -26.55
CA CYS B 53 41.14 14.20 -27.25
C CYS B 53 41.04 15.42 -26.33
N VAL B 54 40.95 15.22 -25.02
CA VAL B 54 40.88 16.35 -24.10
C VAL B 54 42.20 17.11 -24.09
N ALA B 55 43.32 16.39 -23.97
CA ALA B 55 44.63 17.04 -23.99
C ALA B 55 44.96 17.54 -25.38
N ASP B 56 44.76 16.71 -26.40
CA ASP B 56 45.00 17.08 -27.80
C ASP B 56 43.68 17.00 -28.55
N GLU B 57 43.02 18.15 -28.71
CA GLU B 57 41.81 18.25 -29.53
C GLU B 57 42.07 18.09 -31.01
N SER B 58 43.33 17.84 -31.40
CA SER B 58 43.71 17.70 -32.81
C SER B 58 44.44 16.39 -33.06
N ALA B 59 44.27 15.39 -32.19
CA ALA B 59 44.99 14.14 -32.30
C ALA B 59 44.34 13.25 -33.36
N GLU B 60 44.75 11.99 -33.41
CA GLU B 60 44.24 11.06 -34.41
C GLU B 60 42.78 10.71 -34.12
N ASN B 61 41.93 10.83 -35.15
CA ASN B 61 40.50 10.51 -35.17
C ASN B 61 39.67 11.29 -34.15
N CYS B 62 40.27 12.23 -33.41
CA CYS B 62 39.53 13.00 -32.43
C CYS B 62 38.62 14.05 -33.05
N ASP B 63 38.66 14.22 -34.37
CA ASP B 63 37.90 15.24 -35.06
C ASP B 63 36.65 14.70 -35.74
N LYS B 64 36.44 13.38 -35.71
CA LYS B 64 35.29 12.81 -36.38
C LYS B 64 34.07 12.82 -35.47
N SER B 65 32.90 12.59 -36.08
CA SER B 65 31.63 12.71 -35.38
C SER B 65 31.40 11.52 -34.45
N LEU B 66 30.48 11.70 -33.51
CA LEU B 66 30.17 10.65 -32.55
C LEU B 66 29.52 9.45 -33.23
N HIS B 67 28.83 9.67 -34.35
CA HIS B 67 28.26 8.55 -35.09
C HIS B 67 29.35 7.69 -35.72
N THR B 68 30.31 8.32 -36.39
CA THR B 68 31.40 7.58 -36.98
C THR B 68 32.31 6.96 -35.92
N LEU B 69 32.44 7.62 -34.77
CA LEU B 69 33.24 7.06 -33.68
C LEU B 69 32.60 5.78 -33.15
N PHE B 70 31.32 5.84 -32.77
CA PHE B 70 30.66 4.68 -32.22
C PHE B 70 30.25 3.67 -33.29
N GLY B 71 29.93 4.14 -34.50
CA GLY B 71 29.53 3.22 -35.55
C GLY B 71 30.67 2.35 -36.04
N ASP B 72 31.89 2.90 -36.07
CA ASP B 72 33.04 2.11 -36.52
C ASP B 72 33.39 1.04 -35.49
N LYS B 73 33.34 1.38 -34.19
CA LYS B 73 33.63 0.40 -33.17
C LYS B 73 32.49 -0.60 -33.00
N LEU B 74 31.26 -0.19 -33.28
CA LEU B 74 30.14 -1.13 -33.28
C LEU B 74 30.21 -2.13 -34.42
N CYS B 75 31.13 -1.93 -35.37
CA CYS B 75 31.29 -2.83 -36.50
C CYS B 75 32.61 -3.59 -36.49
N THR B 76 33.50 -3.28 -35.55
CA THR B 76 34.72 -4.05 -35.36
C THR B 76 34.54 -5.16 -34.31
N VAL B 77 33.30 -5.41 -33.88
CA VAL B 77 33.05 -6.46 -32.90
C VAL B 77 33.41 -7.81 -33.52
N ALA B 78 33.76 -8.76 -32.65
CA ALA B 78 34.24 -10.06 -33.11
C ALA B 78 33.18 -10.79 -33.93
N THR B 79 31.98 -10.93 -33.39
CA THR B 79 30.91 -11.69 -34.02
C THR B 79 29.69 -10.80 -34.22
N LEU B 80 29.41 -10.45 -35.48
CA LEU B 80 28.17 -9.77 -35.84
C LEU B 80 27.27 -10.66 -36.69
N ARG B 81 27.67 -11.88 -36.97
CA ARG B 81 26.89 -12.84 -37.75
C ARG B 81 26.62 -14.06 -36.88
N GLU B 82 25.75 -13.90 -35.90
CA GLU B 82 25.41 -14.97 -34.97
C GLU B 82 24.61 -16.07 -35.67
N GLY B 85 23.05 -11.41 -37.27
CA GLY B 85 23.61 -11.63 -38.60
C GLY B 85 23.34 -10.49 -39.57
N GLU B 86 22.09 -10.03 -39.58
CA GLU B 86 21.70 -8.95 -40.49
C GLU B 86 22.27 -7.60 -40.11
N MET B 87 22.79 -7.45 -38.89
CA MET B 87 23.33 -6.16 -38.48
C MET B 87 24.66 -5.86 -39.16
N ALA B 88 25.41 -6.89 -39.52
CA ALA B 88 26.69 -6.69 -40.20
C ALA B 88 26.51 -6.23 -41.64
N ASP B 89 25.33 -6.44 -42.24
CA ASP B 89 25.09 -5.96 -43.59
C ASP B 89 25.05 -4.44 -43.66
N CYS B 90 24.74 -3.77 -42.55
CA CYS B 90 24.77 -2.32 -42.49
C CYS B 90 26.14 -1.78 -42.08
N CYS B 91 27.06 -2.65 -41.65
CA CYS B 91 28.44 -2.24 -41.49
C CYS B 91 29.07 -1.94 -42.85
N ALA B 92 28.62 -2.60 -43.91
CA ALA B 92 29.03 -2.24 -45.26
C ALA B 92 28.33 -0.96 -45.72
N LYS B 93 27.13 -0.70 -45.20
CA LYS B 93 26.44 0.54 -45.53
C LYS B 93 27.19 1.73 -44.96
N GLN B 94 27.47 2.71 -45.80
CA GLN B 94 28.20 3.90 -45.37
C GLN B 94 27.33 4.76 -44.46
N GLU B 95 27.98 5.73 -43.81
CA GLU B 95 27.29 6.69 -42.96
C GLU B 95 27.20 8.04 -43.66
N PRO B 96 26.04 8.71 -43.57
CA PRO B 96 24.82 8.34 -42.85
C PRO B 96 24.05 7.18 -43.48
N GLU B 97 22.92 6.83 -42.86
CA GLU B 97 22.08 5.67 -43.18
C GLU B 97 22.68 4.39 -42.60
N ARG B 98 23.94 4.45 -42.18
CA ARG B 98 24.52 3.34 -41.42
C ARG B 98 23.97 3.33 -40.01
N ASN B 99 23.98 4.47 -39.33
CA ASN B 99 23.44 4.56 -37.98
C ASN B 99 21.93 4.40 -37.98
N GLU B 100 21.26 4.85 -39.05
CA GLU B 100 19.80 4.72 -39.12
C GLU B 100 19.37 3.27 -39.18
N CYS B 101 20.21 2.39 -39.74
CA CYS B 101 19.85 0.97 -39.81
C CYS B 101 20.00 0.31 -38.44
N PHE B 102 20.99 0.72 -37.66
CA PHE B 102 21.12 0.21 -36.29
C PHE B 102 19.85 0.50 -35.49
N LEU B 103 19.21 1.64 -35.74
CA LEU B 103 17.95 1.95 -35.08
C LEU B 103 16.83 1.00 -35.52
N GLN B 104 16.92 0.49 -36.75
CA GLN B 104 15.87 -0.38 -37.26
C GLN B 104 15.92 -1.78 -36.65
N HIS B 105 17.05 -2.17 -36.07
CA HIS B 105 17.22 -3.51 -35.52
C HIS B 105 17.08 -3.55 -34.01
N LYS B 106 16.67 -2.46 -33.38
CA LYS B 106 16.42 -2.47 -31.94
C LYS B 106 15.20 -3.34 -31.64
N ASP B 107 15.39 -4.34 -30.79
CA ASP B 107 14.36 -5.32 -30.49
C ASP B 107 13.66 -4.93 -29.20
N ASP B 108 12.40 -4.50 -29.30
CA ASP B 108 11.64 -4.12 -28.12
C ASP B 108 11.39 -5.31 -27.21
N ASN B 109 11.29 -6.53 -27.77
CA ASN B 109 11.13 -7.76 -27.01
C ASN B 109 12.31 -8.66 -27.34
N PRO B 110 13.46 -8.45 -26.69
CA PRO B 110 14.67 -9.20 -27.06
C PRO B 110 14.59 -10.69 -26.75
N ASN B 111 13.59 -11.14 -25.99
CA ASN B 111 13.44 -12.55 -25.62
C ASN B 111 14.66 -13.06 -24.88
N LEU B 112 15.15 -12.26 -23.92
CA LEU B 112 16.26 -12.67 -23.08
C LEU B 112 15.75 -13.41 -21.84
N PRO B 113 16.55 -14.32 -21.29
CA PRO B 113 16.13 -14.98 -20.05
C PRO B 113 16.00 -13.98 -18.91
N ARG B 114 14.81 -13.96 -18.30
CA ARG B 114 14.52 -12.99 -17.25
C ARG B 114 15.53 -13.09 -16.11
N LEU B 115 15.98 -11.93 -15.64
CA LEU B 115 17.02 -11.90 -14.62
C LEU B 115 16.49 -12.45 -13.31
N VAL B 116 17.26 -13.35 -12.70
CA VAL B 116 16.89 -13.99 -11.44
C VAL B 116 17.65 -13.28 -10.32
N ARG B 117 16.92 -12.59 -9.46
CA ARG B 117 17.54 -11.86 -8.35
C ARG B 117 18.11 -12.84 -7.35
N PRO B 118 19.41 -12.79 -7.05
CA PRO B 118 19.97 -13.66 -6.01
C PRO B 118 19.50 -13.24 -4.62
N GLU B 119 19.90 -14.00 -3.60
CA GLU B 119 19.54 -13.62 -2.24
C GLU B 119 20.22 -12.32 -1.85
N VAL B 120 19.70 -11.70 -0.79
CA VAL B 120 20.17 -10.38 -0.39
C VAL B 120 21.65 -10.42 0.02
N ASP B 121 22.04 -11.45 0.76
CA ASP B 121 23.43 -11.56 1.18
C ASP B 121 24.36 -11.76 0.00
N VAL B 122 23.89 -12.43 -1.06
CA VAL B 122 24.72 -12.60 -2.25
C VAL B 122 24.90 -11.28 -2.99
N MET B 123 23.84 -10.48 -3.06
CA MET B 123 23.93 -9.20 -3.77
C MET B 123 24.76 -8.20 -2.99
N CYS B 124 24.64 -8.19 -1.66
CA CYS B 124 25.39 -7.23 -0.85
C CYS B 124 26.88 -7.53 -0.86
N THR B 125 27.24 -8.83 -0.82
CA THR B 125 28.66 -9.18 -0.88
C THR B 125 29.26 -8.86 -2.24
N ALA B 126 28.48 -9.05 -3.31
CA ALA B 126 28.97 -8.69 -4.65
C ALA B 126 29.06 -7.18 -4.81
N PHE B 127 28.26 -6.42 -4.05
CA PHE B 127 28.33 -4.97 -4.13
C PHE B 127 29.61 -4.43 -3.50
N HIS B 128 29.98 -4.96 -2.34
CA HIS B 128 31.21 -4.54 -1.69
C HIS B 128 32.45 -5.12 -2.34
N ASP B 129 32.32 -6.21 -3.09
CA ASP B 129 33.46 -6.76 -3.82
C ASP B 129 33.95 -5.79 -4.88
N ASN B 130 33.02 -5.26 -5.69
CA ASN B 130 33.39 -4.31 -6.74
C ASN B 130 32.14 -3.48 -7.04
N GLU B 131 32.11 -2.25 -6.54
CA GLU B 131 30.96 -1.38 -6.77
C GLU B 131 30.84 -0.99 -8.24
N GLU B 132 31.97 -0.71 -8.90
CA GLU B 132 31.94 -0.28 -10.29
C GLU B 132 31.40 -1.38 -11.20
N THR B 133 31.82 -2.63 -10.96
CA THR B 133 31.35 -3.72 -11.80
C THR B 133 29.89 -4.06 -11.51
N PHE B 134 29.50 -4.05 -10.24
CA PHE B 134 28.11 -4.36 -9.88
C PHE B 134 27.15 -3.30 -10.39
N LEU B 135 27.58 -2.04 -10.40
CA LEU B 135 26.70 -0.97 -10.87
C LEU B 135 26.55 -0.98 -12.38
N LYS B 136 27.59 -1.43 -13.10
CA LYS B 136 27.53 -1.42 -14.55
C LYS B 136 26.64 -2.53 -15.12
N LYS B 137 26.56 -3.67 -14.43
CA LYS B 137 25.65 -4.72 -14.86
C LYS B 137 24.19 -4.27 -14.75
N TYR B 138 23.88 -3.42 -13.77
CA TYR B 138 22.52 -2.89 -13.64
C TYR B 138 22.14 -2.07 -14.86
N LEU B 139 23.06 -1.21 -15.34
CA LEU B 139 22.79 -0.45 -16.55
C LEU B 139 22.82 -1.35 -17.78
N TYR B 140 23.70 -2.35 -17.79
CA TYR B 140 23.80 -3.23 -18.95
C TYR B 140 22.57 -4.10 -19.09
N GLU B 141 22.12 -4.73 -18.00
CA GLU B 141 20.98 -5.64 -18.08
C GLU B 141 19.69 -4.89 -18.40
N ILE B 142 19.57 -3.63 -17.98
CA ILE B 142 18.36 -2.87 -18.26
C ILE B 142 18.35 -2.38 -19.70
N ALA B 143 19.46 -1.80 -20.16
CA ALA B 143 19.50 -1.22 -21.49
C ALA B 143 19.30 -2.27 -22.58
N ARG B 144 19.76 -3.50 -22.34
CA ARG B 144 19.57 -4.56 -23.33
C ARG B 144 18.15 -5.13 -23.30
N ARG B 145 17.42 -4.94 -22.20
CA ARG B 145 16.01 -5.30 -22.15
C ARG B 145 15.11 -4.17 -22.63
N HIS B 146 15.56 -2.92 -22.48
CA HIS B 146 14.79 -1.75 -22.88
C HIS B 146 15.67 -0.90 -23.79
N PRO B 147 15.59 -1.10 -25.11
CA PRO B 147 16.50 -0.39 -26.02
C PRO B 147 16.18 1.08 -26.17
N TYR B 148 14.96 1.51 -25.84
CA TYR B 148 14.58 2.91 -25.95
C TYR B 148 14.40 3.56 -24.58
N PHE B 149 15.21 3.12 -23.61
CA PHE B 149 15.17 3.70 -22.27
C PHE B 149 15.70 5.12 -22.30
N TYR B 150 15.06 6.00 -21.53
CA TYR B 150 15.54 7.37 -21.39
C TYR B 150 16.94 7.34 -20.78
N ALA B 151 17.96 7.62 -21.60
CA ALA B 151 19.34 7.43 -21.16
C ALA B 151 19.72 8.31 -19.98
N PRO B 152 19.53 9.63 -19.99
CA PRO B 152 19.91 10.43 -18.82
C PRO B 152 19.05 10.13 -17.59
N GLU B 153 17.88 9.54 -17.77
CA GLU B 153 17.06 9.14 -16.63
C GLU B 153 17.54 7.82 -16.04
N LEU B 154 18.07 6.92 -16.88
CA LEU B 154 18.62 5.67 -16.36
C LEU B 154 19.82 5.90 -15.48
N LEU B 155 20.58 6.97 -15.74
CA LEU B 155 21.68 7.34 -14.86
C LEU B 155 21.17 7.72 -13.48
N PHE B 156 19.98 8.33 -13.42
CA PHE B 156 19.40 8.68 -12.12
C PHE B 156 18.95 7.45 -11.37
N PHE B 157 18.42 6.45 -12.08
CA PHE B 157 18.07 5.19 -11.44
C PHE B 157 19.30 4.45 -10.93
N ALA B 158 20.44 4.60 -11.62
CA ALA B 158 21.68 3.99 -11.14
C ALA B 158 22.13 4.63 -9.84
N LYS B 159 21.93 5.94 -9.68
CA LYS B 159 22.28 6.59 -8.43
C LYS B 159 21.38 6.13 -7.30
N ARG B 160 20.08 5.94 -7.57
CA ARG B 160 19.18 5.40 -6.57
C ARG B 160 19.48 3.92 -6.30
N TYR B 161 19.83 3.17 -7.35
CA TYR B 161 20.20 1.77 -7.18
C TYR B 161 21.46 1.63 -6.36
N LYS B 162 22.40 2.56 -6.52
CA LYS B 162 23.62 2.54 -5.71
C LYS B 162 23.34 2.91 -4.27
N ALA B 163 22.48 3.91 -4.05
CA ALA B 163 22.13 4.33 -2.69
C ALA B 163 21.35 3.25 -1.94
N ALA B 164 20.68 2.35 -2.64
CA ALA B 164 19.96 1.27 -1.97
C ALA B 164 20.93 0.31 -1.30
N PHE B 165 21.95 -0.15 -2.04
CA PHE B 165 22.96 -1.03 -1.47
C PHE B 165 23.89 -0.29 -0.52
N THR B 166 24.03 1.03 -0.67
CA THR B 166 24.87 1.79 0.24
C THR B 166 24.28 1.83 1.64
N GLU B 167 22.96 1.96 1.74
CA GLU B 167 22.28 2.11 3.02
C GLU B 167 21.79 0.78 3.58
N CYS B 168 21.15 -0.04 2.74
CA CYS B 168 20.46 -1.22 3.25
C CYS B 168 21.39 -2.40 3.53
N CYS B 169 22.52 -2.49 2.81
CA CYS B 169 23.42 -3.62 3.02
C CYS B 169 24.10 -3.57 4.37
N GLN B 170 24.11 -2.43 5.04
CA GLN B 170 24.67 -2.30 6.39
C GLN B 170 23.60 -2.22 7.46
N ALA B 171 22.34 -2.39 7.10
CA ALA B 171 21.26 -2.38 8.08
C ALA B 171 21.24 -3.70 8.85
N ALA B 172 20.53 -3.68 9.99
CA ALA B 172 20.41 -4.89 10.80
C ALA B 172 19.71 -6.00 10.04
N ASP B 173 18.60 -5.67 9.37
CA ASP B 173 17.89 -6.60 8.49
C ASP B 173 17.93 -6.01 7.09
N LYS B 174 18.78 -6.59 6.23
CA LYS B 174 18.98 -6.03 4.89
C LYS B 174 17.77 -6.23 3.99
N ALA B 175 17.06 -7.36 4.15
CA ALA B 175 15.97 -7.67 3.24
C ALA B 175 14.80 -6.72 3.42
N ALA B 176 14.41 -6.45 4.67
CA ALA B 176 13.31 -5.53 4.92
C ALA B 176 13.61 -4.12 4.43
N CYS B 177 14.89 -3.76 4.31
CA CYS B 177 15.30 -2.45 3.81
C CYS B 177 15.44 -2.47 2.29
N LEU B 178 16.10 -3.49 1.74
CA LEU B 178 16.49 -3.46 0.33
C LEU B 178 15.34 -3.85 -0.59
N LEU B 179 14.56 -4.87 -0.22
CA LEU B 179 13.52 -5.36 -1.12
C LEU B 179 12.46 -4.33 -1.46
N PRO B 180 11.92 -3.54 -0.52
CA PRO B 180 10.95 -2.52 -0.92
C PRO B 180 11.52 -1.47 -1.87
N LYS B 181 12.82 -1.22 -1.81
CA LYS B 181 13.42 -0.22 -2.68
C LYS B 181 13.76 -0.77 -4.06
N LEU B 182 14.13 -2.05 -4.15
CA LEU B 182 14.42 -2.64 -5.45
C LEU B 182 13.14 -2.86 -6.24
N ASP B 183 12.08 -3.31 -5.59
CA ASP B 183 10.80 -3.49 -6.28
C ASP B 183 10.24 -2.15 -6.74
N GLU B 184 10.45 -1.09 -5.96
CA GLU B 184 9.98 0.23 -6.36
C GLU B 184 10.77 0.76 -7.56
N LEU B 185 12.06 0.43 -7.64
CA LEU B 185 12.85 0.85 -8.80
C LEU B 185 12.47 0.05 -10.04
N ARG B 186 12.16 -1.24 -9.88
CA ARG B 186 11.75 -2.05 -11.01
C ARG B 186 10.42 -1.56 -11.58
N ASP B 187 9.47 -1.25 -10.71
CA ASP B 187 8.20 -0.68 -11.17
C ASP B 187 8.42 0.70 -11.78
N GLU B 188 9.34 1.47 -11.22
CA GLU B 188 9.59 2.82 -11.72
C GLU B 188 10.30 2.79 -13.07
N GLY B 189 11.20 1.82 -13.26
CA GLY B 189 11.93 1.75 -14.52
C GLY B 189 11.06 1.33 -15.68
N LYS B 190 10.19 0.34 -15.47
CA LYS B 190 9.30 -0.10 -16.53
C LYS B 190 8.32 1.00 -16.92
N ALA B 191 7.86 1.78 -15.93
CA ALA B 191 7.01 2.91 -16.23
C ALA B 191 7.76 3.98 -17.03
N SER B 192 9.03 4.20 -16.70
CA SER B 192 9.83 5.16 -17.44
C SER B 192 10.22 4.64 -18.82
N SER B 193 10.43 3.32 -18.94
CA SER B 193 10.81 2.75 -20.23
C SER B 193 9.66 2.83 -21.22
N ALA B 194 8.47 2.39 -20.81
CA ALA B 194 7.31 2.44 -21.69
C ALA B 194 6.88 3.88 -21.97
N LYS B 195 7.10 4.79 -21.03
CA LYS B 195 6.75 6.19 -21.26
C LYS B 195 7.68 6.82 -22.29
N GLN B 196 8.98 6.52 -22.22
CA GLN B 196 9.91 7.04 -23.21
C GLN B 196 9.73 6.38 -24.56
N ARG B 197 9.24 5.13 -24.59
CA ARG B 197 8.96 4.47 -25.85
C ARG B 197 7.88 5.20 -26.64
N LEU B 198 6.91 5.80 -25.93
CA LEU B 198 5.90 6.60 -26.61
C LEU B 198 6.50 7.84 -27.26
N LYS B 199 7.50 8.45 -26.60
CA LYS B 199 8.12 9.64 -27.17
C LYS B 199 8.91 9.31 -28.43
N CYS B 200 9.56 8.15 -28.46
CA CYS B 200 10.32 7.77 -29.64
C CYS B 200 9.40 7.38 -30.80
N ALA B 201 8.36 6.60 -30.50
CA ALA B 201 7.42 6.20 -31.53
C ALA B 201 6.66 7.40 -32.09
N SER B 202 6.51 8.45 -31.29
CA SER B 202 5.89 9.67 -31.79
C SER B 202 6.80 10.39 -32.78
N LEU B 203 8.10 10.35 -32.54
CA LEU B 203 9.06 11.01 -33.42
C LEU B 203 9.30 10.22 -34.70
N GLN B 204 9.60 8.92 -34.56
CA GLN B 204 10.00 8.12 -35.72
C GLN B 204 8.81 7.85 -36.65
N LYS B 205 7.64 7.60 -36.08
CA LYS B 205 6.48 7.19 -36.86
C LYS B 205 5.56 8.35 -37.23
N PHE B 206 5.72 9.52 -36.60
CA PHE B 206 4.79 10.62 -36.85
C PHE B 206 5.48 11.98 -36.96
N GLY B 207 6.80 12.01 -37.09
CA GLY B 207 7.50 13.27 -37.33
C GLY B 207 7.61 14.15 -36.10
N GLU B 208 8.30 15.28 -36.29
CA GLU B 208 8.52 16.22 -35.20
C GLU B 208 7.31 17.10 -34.93
N ARG B 209 6.47 17.33 -35.95
CA ARG B 209 5.28 18.14 -35.74
C ARG B 209 4.35 17.49 -34.71
N ALA B 210 4.29 16.16 -34.68
CA ALA B 210 3.47 15.48 -33.69
C ALA B 210 4.08 15.59 -32.29
N PHE B 211 5.41 15.55 -32.20
CA PHE B 211 6.07 15.66 -30.91
C PHE B 211 6.04 17.10 -30.39
N LYS B 212 6.31 18.07 -31.26
CA LYS B 212 6.27 19.46 -30.82
C LYS B 212 4.86 19.86 -30.40
N ALA B 213 3.84 19.28 -31.02
CA ALA B 213 2.48 19.51 -30.57
C ALA B 213 2.24 18.91 -29.18
N TRP B 214 2.86 17.77 -28.90
CA TRP B 214 2.75 17.17 -27.57
C TRP B 214 3.42 18.04 -26.52
N ALA B 215 4.59 18.60 -26.86
CA ALA B 215 5.33 19.40 -25.89
C ALA B 215 4.59 20.69 -25.56
N VAL B 216 4.02 21.36 -26.57
CA VAL B 216 3.26 22.58 -26.32
C VAL B 216 2.05 22.29 -25.45
N ALA B 217 1.45 21.11 -25.60
CA ALA B 217 0.26 20.78 -24.82
C ALA B 217 0.63 20.48 -23.37
N ARG B 218 1.76 19.79 -23.14
CA ARG B 218 2.11 19.39 -21.79
C ARG B 218 2.84 20.51 -21.04
N LEU B 219 3.71 21.25 -21.72
CA LEU B 219 4.48 22.28 -21.03
C LEU B 219 3.61 23.48 -20.68
N SER B 220 2.71 23.88 -21.60
CA SER B 220 1.78 24.96 -21.28
C SER B 220 0.83 24.56 -20.15
N GLN B 221 0.43 23.28 -20.13
CA GLN B 221 -0.41 22.78 -19.06
C GLN B 221 0.33 22.77 -17.72
N ARG B 222 1.66 22.58 -17.77
CA ARG B 222 2.48 22.54 -16.56
C ARG B 222 3.02 23.90 -16.18
N PHE B 223 3.33 24.76 -17.16
CA PHE B 223 3.81 26.11 -16.93
C PHE B 223 2.79 27.10 -17.50
N PRO B 224 1.67 27.29 -16.82
CA PRO B 224 0.60 28.13 -17.40
C PRO B 224 0.91 29.62 -17.33
N LYS B 225 1.65 30.07 -16.31
CA LYS B 225 1.95 31.49 -16.19
C LYS B 225 2.95 31.97 -17.22
N ALA B 226 3.72 31.06 -17.82
CA ALA B 226 4.72 31.46 -18.80
C ALA B 226 4.06 31.92 -20.09
N GLU B 227 4.67 32.91 -20.74
CA GLU B 227 4.17 33.39 -22.02
C GLU B 227 4.48 32.36 -23.11
N PHE B 228 3.85 32.56 -24.28
CA PHE B 228 4.04 31.62 -25.38
C PHE B 228 5.47 31.63 -25.89
N ALA B 229 6.12 32.79 -25.89
CA ALA B 229 7.52 32.84 -26.30
C ALA B 229 8.40 32.03 -25.36
N GLU B 230 8.04 31.98 -24.07
CA GLU B 230 8.79 31.16 -23.13
C GLU B 230 8.55 29.68 -23.38
N VAL B 231 7.29 29.29 -23.61
CA VAL B 231 6.97 27.88 -23.83
C VAL B 231 7.59 27.37 -25.12
N SER B 232 7.49 28.17 -26.19
CA SER B 232 8.06 27.76 -27.47
C SER B 232 9.57 27.61 -27.40
N LYS B 233 10.22 28.33 -26.48
CA LYS B 233 11.65 28.13 -26.26
C LYS B 233 11.92 26.80 -25.58
N LEU B 234 11.10 26.45 -24.58
CA LEU B 234 11.28 25.18 -23.89
C LEU B 234 10.95 24.00 -24.80
N VAL B 235 9.93 24.16 -25.65
CA VAL B 235 9.57 23.09 -26.58
C VAL B 235 10.71 22.84 -27.56
N THR B 236 11.35 23.92 -28.04
CA THR B 236 12.42 23.76 -29.01
C THR B 236 13.61 23.02 -28.40
N ASP B 237 13.95 23.32 -27.15
CA ASP B 237 15.05 22.62 -26.49
C ASP B 237 14.65 21.19 -26.12
N LEU B 238 13.44 21.03 -25.55
CA LEU B 238 13.00 19.71 -25.13
C LEU B 238 12.84 18.77 -26.32
N THR B 239 12.44 19.29 -27.48
CA THR B 239 12.27 18.45 -28.66
C THR B 239 13.60 17.85 -29.10
N LYS B 240 14.63 18.68 -29.22
CA LYS B 240 15.94 18.19 -29.66
C LYS B 240 16.52 17.17 -28.69
N VAL B 241 16.21 17.29 -27.40
CA VAL B 241 16.72 16.35 -26.42
C VAL B 241 16.20 14.94 -26.72
N HIS B 242 14.89 14.82 -26.95
CA HIS B 242 14.31 13.50 -27.18
C HIS B 242 14.56 12.98 -28.58
N THR B 243 14.80 13.84 -29.56
CA THR B 243 15.17 13.36 -30.88
C THR B 243 16.56 12.73 -30.87
N GLU B 244 17.47 13.29 -30.07
CA GLU B 244 18.82 12.75 -29.98
C GLU B 244 18.85 11.44 -29.22
N CYS B 245 18.16 11.38 -28.07
CA CYS B 245 18.13 10.15 -27.29
C CYS B 245 17.46 9.01 -28.04
N CYS B 246 16.36 9.30 -28.75
CA CYS B 246 15.67 8.26 -29.51
C CYS B 246 16.46 7.81 -30.73
N HIS B 247 17.39 8.63 -31.21
CA HIS B 247 18.23 8.29 -32.36
C HIS B 247 19.56 7.69 -31.96
N GLY B 248 19.77 7.42 -30.68
CA GLY B 248 21.02 6.84 -30.22
C GLY B 248 22.11 7.84 -29.90
N ASP B 249 21.83 9.14 -29.96
CA ASP B 249 22.81 10.16 -29.62
C ASP B 249 22.72 10.48 -28.13
N LEU B 250 23.20 9.53 -27.33
CA LEU B 250 23.03 9.61 -25.88
C LEU B 250 23.87 10.73 -25.27
N LEU B 251 25.08 10.95 -25.80
CA LEU B 251 25.98 11.93 -25.22
C LEU B 251 25.45 13.35 -25.40
N GLU B 252 25.04 13.70 -26.63
CA GLU B 252 24.50 15.03 -26.88
C GLU B 252 23.16 15.22 -26.16
N CYS B 253 22.38 14.15 -26.04
CA CYS B 253 21.07 14.24 -25.40
C CYS B 253 21.20 14.57 -23.92
N ALA B 254 22.11 13.89 -23.22
CA ALA B 254 22.29 14.16 -21.80
C ALA B 254 22.94 15.52 -21.56
N ASP B 255 23.82 15.96 -22.47
CA ASP B 255 24.43 17.28 -22.32
C ASP B 255 23.41 18.39 -22.57
N ASP B 256 22.59 18.23 -23.61
CA ASP B 256 21.56 19.23 -23.89
C ASP B 256 20.47 19.24 -22.83
N ARG B 257 20.19 18.09 -22.22
CA ARG B 257 19.18 18.03 -21.17
C ARG B 257 19.66 18.76 -19.92
N ALA B 258 20.92 18.54 -19.52
CA ALA B 258 21.46 19.24 -18.37
C ALA B 258 21.53 20.75 -18.61
N ASP B 259 21.80 21.16 -19.85
CA ASP B 259 21.78 22.57 -20.17
C ASP B 259 20.35 23.13 -20.08
N LEU B 260 19.37 22.34 -20.49
CA LEU B 260 17.97 22.78 -20.39
C LEU B 260 17.55 22.91 -18.93
N ALA B 261 17.93 21.95 -18.09
CA ALA B 261 17.59 22.02 -16.67
C ALA B 261 18.22 23.23 -16.01
N LYS B 262 19.39 23.67 -16.50
CA LYS B 262 20.00 24.88 -15.98
C LYS B 262 19.18 26.11 -16.37
N TYR B 263 18.63 26.12 -17.58
CA TYR B 263 17.84 27.25 -18.03
C TYR B 263 16.55 27.37 -17.22
N ILE B 264 15.88 26.25 -16.95
CA ILE B 264 14.63 26.28 -16.20
C ILE B 264 14.86 26.86 -14.81
N CYS B 265 16.02 26.57 -14.22
CA CYS B 265 16.32 27.03 -12.87
C CYS B 265 16.80 28.47 -12.82
N GLU B 266 17.30 29.01 -13.93
CA GLU B 266 17.74 30.40 -13.97
C GLU B 266 16.60 31.36 -14.24
N ASN B 267 15.49 30.87 -14.80
CA ASN B 267 14.36 31.72 -15.18
C ASN B 267 13.06 31.16 -14.61
N GLN B 268 13.07 30.84 -13.32
CA GLN B 268 11.88 30.26 -12.69
C GLN B 268 10.75 31.27 -12.57
N ASP B 269 11.07 32.57 -12.51
CA ASP B 269 10.06 33.58 -12.28
C ASP B 269 9.06 33.64 -13.43
N SER B 270 9.51 33.40 -14.66
CA SER B 270 8.64 33.47 -15.83
C SER B 270 8.26 32.09 -16.35
N ILE B 271 8.24 31.08 -15.48
CA ILE B 271 7.91 29.72 -15.88
C ILE B 271 6.95 29.10 -14.88
N SER B 272 7.40 28.90 -13.65
CA SER B 272 6.58 28.25 -12.63
C SER B 272 7.16 28.53 -11.26
N SER B 273 6.28 28.52 -10.25
CA SER B 273 6.69 28.71 -8.87
C SER B 273 6.98 27.41 -8.15
N LYS B 274 6.60 26.27 -8.72
CA LYS B 274 6.85 24.97 -8.11
C LYS B 274 8.26 24.44 -8.37
N LEU B 275 9.12 25.25 -8.97
CA LEU B 275 10.48 24.85 -9.32
C LEU B 275 11.51 25.22 -8.26
N LYS B 276 11.08 25.82 -7.15
CA LYS B 276 12.03 26.24 -6.12
C LYS B 276 12.72 25.04 -5.48
N GLU B 277 11.92 24.09 -4.96
CA GLU B 277 12.52 22.92 -4.32
C GLU B 277 13.14 21.97 -5.33
N CYS B 278 12.63 21.95 -6.56
CA CYS B 278 13.16 21.04 -7.57
C CYS B 278 14.55 21.45 -8.04
N CYS B 279 14.84 22.75 -8.05
CA CYS B 279 16.08 23.25 -8.66
C CYS B 279 17.26 23.22 -7.72
N GLU B 280 17.05 23.31 -6.40
CA GLU B 280 18.13 23.23 -5.43
C GLU B 280 18.44 21.75 -5.16
N LYS B 281 18.90 21.08 -6.20
CA LYS B 281 19.14 19.64 -6.17
C LYS B 281 20.33 19.33 -7.07
N PRO B 282 20.95 18.16 -6.92
CA PRO B 282 22.03 17.77 -7.83
C PRO B 282 21.56 17.71 -9.27
N LEU B 283 22.55 17.62 -10.17
CA LEU B 283 22.26 17.73 -11.60
C LEU B 283 21.34 16.61 -12.07
N LEU B 284 21.61 15.37 -11.65
CA LEU B 284 20.78 14.24 -12.05
C LEU B 284 19.37 14.36 -11.45
N GLU B 285 19.29 14.75 -10.18
CA GLU B 285 17.98 14.81 -9.52
C GLU B 285 17.19 16.04 -9.97
N LYS B 286 17.87 17.09 -10.42
CA LYS B 286 17.17 18.31 -10.83
C LYS B 286 16.34 18.08 -12.09
N SER B 287 16.89 17.36 -13.07
CA SER B 287 16.16 17.12 -14.31
C SER B 287 15.00 16.16 -14.08
N HIS B 288 15.15 15.21 -13.15
CA HIS B 288 14.05 14.30 -12.84
C HIS B 288 12.94 15.02 -12.07
N CYS B 289 13.30 15.99 -11.23
CA CYS B 289 12.31 16.69 -10.41
C CYS B 289 11.41 17.57 -11.27
N ILE B 290 12.02 18.37 -12.17
CA ILE B 290 11.22 19.27 -13.00
C ILE B 290 10.45 18.53 -14.08
N ALA B 291 10.90 17.32 -14.45
CA ALA B 291 10.16 16.55 -15.44
C ALA B 291 8.85 16.01 -14.88
N GLU B 292 8.72 15.90 -13.56
CA GLU B 292 7.52 15.40 -12.91
C GLU B 292 7.00 16.40 -11.89
N VAL B 293 7.26 17.68 -12.10
CA VAL B 293 6.81 18.70 -11.16
C VAL B 293 5.31 18.91 -11.27
N GLU B 294 4.71 19.38 -10.17
CA GLU B 294 3.27 19.60 -10.12
C GLU B 294 2.86 20.74 -11.03
N ASN B 295 1.59 20.73 -11.42
CA ASN B 295 1.03 21.79 -12.26
C ASN B 295 1.01 23.11 -11.50
N ASP B 296 1.69 24.12 -12.05
CA ASP B 296 1.69 25.44 -11.45
C ASP B 296 0.29 26.04 -11.45
N GLU B 297 0.03 26.93 -10.50
CA GLU B 297 -1.26 27.57 -10.39
C GLU B 297 -1.57 28.37 -11.66
N MET B 298 -2.76 28.13 -12.22
CA MET B 298 -3.18 28.84 -13.41
C MET B 298 -3.32 30.33 -13.11
N PRO B 299 -2.85 31.21 -13.99
CA PRO B 299 -3.02 32.64 -13.76
C PRO B 299 -4.49 33.03 -13.71
N ALA B 300 -4.86 33.79 -12.68
CA ALA B 300 -6.24 34.14 -12.46
C ALA B 300 -6.71 35.17 -13.48
N ASP B 301 -8.04 35.25 -13.65
CA ASP B 301 -8.68 36.19 -14.56
C ASP B 301 -8.17 36.02 -15.99
N LEU B 302 -8.01 34.78 -16.41
CA LEU B 302 -7.57 34.50 -17.78
C LEU B 302 -8.70 34.82 -18.75
N PRO B 303 -8.42 35.51 -19.85
CA PRO B 303 -9.49 35.86 -20.79
C PRO B 303 -9.93 34.66 -21.61
N SER B 304 -11.06 34.84 -22.30
CA SER B 304 -11.59 33.81 -23.16
C SER B 304 -10.81 33.72 -24.46
N LEU B 305 -10.85 32.55 -25.09
CA LEU B 305 -10.18 32.33 -26.37
C LEU B 305 -11.09 32.57 -27.56
N ALA B 306 -12.34 32.97 -27.33
CA ALA B 306 -13.25 33.19 -28.45
C ALA B 306 -12.90 34.44 -29.22
N ALA B 307 -12.45 35.49 -28.52
CA ALA B 307 -12.11 36.73 -29.21
C ALA B 307 -10.83 36.61 -30.01
N ASP B 308 -9.89 35.76 -29.57
CA ASP B 308 -8.60 35.66 -30.24
C ASP B 308 -8.63 34.69 -31.41
N PHE B 309 -9.48 33.65 -31.35
CA PHE B 309 -9.47 32.60 -32.35
C PHE B 309 -10.80 32.37 -33.04
N VAL B 310 -11.90 32.93 -32.52
CA VAL B 310 -13.21 32.74 -33.13
C VAL B 310 -13.81 34.09 -33.50
N GLU B 311 -14.02 34.94 -32.51
CA GLU B 311 -14.64 36.25 -32.72
C GLU B 311 -13.56 37.28 -33.08
N SER B 312 -13.07 37.17 -34.30
CA SER B 312 -12.06 38.08 -34.82
C SER B 312 -12.06 38.01 -36.34
N LYS B 313 -11.68 39.12 -36.97
CA LYS B 313 -11.62 39.19 -38.42
C LYS B 313 -10.24 38.88 -38.98
N ASP B 314 -9.22 38.85 -38.13
CA ASP B 314 -7.86 38.56 -38.55
C ASP B 314 -7.47 37.10 -38.34
N VAL B 315 -8.42 36.25 -37.95
CA VAL B 315 -8.12 34.85 -37.67
C VAL B 315 -7.54 34.17 -38.92
N CYS B 316 -8.25 34.29 -40.05
CA CYS B 316 -7.76 33.68 -41.27
C CYS B 316 -6.53 34.38 -41.83
N LYS B 317 -6.29 35.63 -41.44
CA LYS B 317 -5.11 36.35 -41.92
C LYS B 317 -3.88 35.99 -41.10
N ASN B 318 -4.01 36.00 -39.77
CA ASN B 318 -2.88 35.64 -38.91
C ASN B 318 -2.51 34.18 -39.07
N TYR B 319 -3.49 33.31 -39.33
CA TYR B 319 -3.21 31.90 -39.50
C TYR B 319 -2.42 31.64 -40.78
N ALA B 320 -2.79 32.30 -41.88
CA ALA B 320 -2.08 32.11 -43.14
C ALA B 320 -0.66 32.67 -43.09
N GLU B 321 -0.39 33.64 -42.22
CA GLU B 321 0.96 34.19 -42.13
C GLU B 321 1.90 33.22 -41.41
N ALA B 322 1.49 32.70 -40.27
CA ALA B 322 2.27 31.72 -39.51
C ALA B 322 1.30 30.68 -38.96
N LYS B 323 1.18 29.55 -39.65
CA LYS B 323 0.18 28.55 -39.31
C LYS B 323 0.49 27.88 -37.99
N ASP B 324 1.64 27.21 -37.90
CA ASP B 324 1.96 26.45 -36.70
C ASP B 324 2.12 27.34 -35.47
N VAL B 325 2.54 28.59 -35.67
CA VAL B 325 2.62 29.52 -34.55
C VAL B 325 1.22 29.85 -34.03
N PHE B 326 0.29 30.14 -34.94
CA PHE B 326 -1.09 30.41 -34.53
C PHE B 326 -1.73 29.16 -33.95
N LEU B 327 -1.46 28.00 -34.54
CA LEU B 327 -1.92 26.75 -33.95
C LEU B 327 -1.21 26.47 -32.63
N GLY B 328 0.07 26.81 -32.54
CA GLY B 328 0.78 26.65 -31.28
C GLY B 328 0.27 27.59 -30.21
N MET B 329 -0.06 28.83 -30.59
CA MET B 329 -0.66 29.75 -29.64
C MET B 329 -2.03 29.27 -29.19
N PHE B 330 -2.83 28.74 -30.11
CA PHE B 330 -4.14 28.22 -29.75
C PHE B 330 -4.00 27.03 -28.80
N LEU B 331 -3.07 26.12 -29.09
CA LEU B 331 -2.84 25.00 -28.18
C LEU B 331 -2.30 25.48 -26.84
N TYR B 332 -1.40 26.48 -26.87
CA TYR B 332 -0.87 27.03 -25.62
C TYR B 332 -1.97 27.66 -24.79
N GLU B 333 -2.84 28.46 -25.42
CA GLU B 333 -3.90 29.13 -24.67
C GLU B 333 -4.94 28.14 -24.17
N TYR B 334 -5.24 27.11 -24.96
CA TYR B 334 -6.22 26.12 -24.54
C TYR B 334 -5.66 25.20 -23.47
N ALA B 335 -4.39 24.80 -23.60
CA ALA B 335 -3.80 23.90 -22.62
C ALA B 335 -3.58 24.60 -21.28
N ARG B 336 -3.17 25.88 -21.31
CA ARG B 336 -2.91 26.59 -20.08
C ARG B 336 -4.19 26.86 -19.29
N ARG B 337 -5.35 26.87 -19.95
CA ARG B 337 -6.61 27.10 -19.27
C ARG B 337 -7.25 25.83 -18.74
N HIS B 338 -6.86 24.67 -19.26
CA HIS B 338 -7.46 23.39 -18.87
C HIS B 338 -6.38 22.42 -18.42
N PRO B 339 -6.00 22.45 -17.15
CA PRO B 339 -5.13 21.41 -16.60
C PRO B 339 -5.85 20.09 -16.30
N ASP B 340 -7.14 20.01 -16.62
CA ASP B 340 -7.94 18.81 -16.37
C ASP B 340 -8.18 17.99 -17.63
N TYR B 341 -7.65 18.42 -18.78
CA TYR B 341 -7.74 17.66 -20.01
C TYR B 341 -6.47 16.84 -20.21
N SER B 342 -6.62 15.70 -20.87
CA SER B 342 -5.46 14.92 -21.27
C SER B 342 -4.73 15.59 -22.42
N VAL B 343 -3.43 15.34 -22.52
CA VAL B 343 -2.65 15.92 -23.61
C VAL B 343 -3.17 15.45 -24.96
N VAL B 344 -3.59 14.18 -25.03
CA VAL B 344 -4.10 13.64 -26.29
C VAL B 344 -5.43 14.28 -26.65
N LEU B 345 -6.22 14.71 -25.66
CA LEU B 345 -7.48 15.39 -25.96
C LEU B 345 -7.24 16.79 -26.50
N LEU B 346 -6.31 17.52 -25.89
CA LEU B 346 -5.96 18.86 -26.39
C LEU B 346 -5.41 18.78 -27.81
N LEU B 347 -4.75 17.68 -28.16
CA LEU B 347 -4.27 17.50 -29.53
C LEU B 347 -5.42 17.16 -30.48
N ARG B 348 -6.47 16.52 -29.98
CA ARG B 348 -7.66 16.30 -30.80
C ARG B 348 -8.31 17.62 -31.16
N LEU B 349 -8.49 18.51 -30.18
CA LEU B 349 -9.15 19.77 -30.43
C LEU B 349 -8.28 20.68 -31.31
N ALA B 350 -6.96 20.63 -31.13
CA ALA B 350 -6.07 21.41 -31.97
C ALA B 350 -6.13 20.93 -33.42
N LYS B 351 -6.19 19.61 -33.62
CA LYS B 351 -6.34 19.06 -34.96
C LYS B 351 -7.70 19.45 -35.56
N THR B 352 -8.77 19.33 -34.77
CA THR B 352 -10.11 19.67 -35.25
C THR B 352 -10.18 21.15 -35.62
N TYR B 353 -9.69 22.01 -34.74
CA TYR B 353 -9.65 23.44 -35.05
C TYR B 353 -8.78 23.73 -36.27
N GLU B 354 -7.71 22.94 -36.46
CA GLU B 354 -6.88 23.11 -37.63
C GLU B 354 -7.58 22.64 -38.90
N THR B 355 -8.24 21.47 -38.84
CA THR B 355 -8.93 20.95 -40.01
C THR B 355 -10.10 21.83 -40.42
N THR B 356 -10.77 22.43 -39.44
CA THR B 356 -11.91 23.28 -39.76
C THR B 356 -11.47 24.57 -40.44
N LEU B 357 -10.43 25.22 -39.88
CA LEU B 357 -9.96 26.48 -40.45
C LEU B 357 -9.36 26.31 -41.84
N GLU B 358 -8.96 25.10 -42.22
CA GLU B 358 -8.49 24.88 -43.58
C GLU B 358 -9.64 24.97 -44.58
N LYS B 359 -10.82 24.46 -44.21
CA LYS B 359 -11.97 24.53 -45.08
C LYS B 359 -12.80 25.79 -44.86
N CYS B 360 -12.79 26.34 -43.64
CA CYS B 360 -13.61 27.52 -43.36
C CYS B 360 -12.98 28.79 -43.93
N CYS B 361 -11.67 28.97 -43.76
CA CYS B 361 -11.03 30.16 -44.30
C CYS B 361 -11.03 30.18 -45.83
N ALA B 362 -11.25 29.03 -46.46
CA ALA B 362 -11.36 28.95 -47.91
C ALA B 362 -12.78 29.18 -48.41
N ALA B 363 -13.74 29.37 -47.51
CA ALA B 363 -15.13 29.60 -47.90
C ALA B 363 -15.34 31.06 -48.28
N ALA B 364 -16.54 31.33 -48.82
CA ALA B 364 -16.87 32.70 -49.22
C ALA B 364 -16.98 33.63 -48.02
N ASP B 365 -17.62 33.16 -46.95
CA ASP B 365 -17.76 33.91 -45.70
C ASP B 365 -17.10 33.07 -44.60
N PRO B 366 -15.81 33.26 -44.35
CA PRO B 366 -15.15 32.45 -43.31
C PRO B 366 -15.70 32.65 -41.93
N HIS B 367 -16.03 33.90 -41.56
CA HIS B 367 -16.50 34.19 -40.21
C HIS B 367 -17.75 33.38 -39.88
N GLU B 368 -18.71 33.34 -40.81
CA GLU B 368 -19.91 32.54 -40.60
C GLU B 368 -19.61 31.04 -40.58
N CYS B 369 -18.47 30.63 -41.13
CA CYS B 369 -18.14 29.21 -41.19
C CYS B 369 -17.64 28.71 -39.84
N TYR B 370 -16.55 29.28 -39.34
CA TYR B 370 -15.94 28.84 -38.09
C TYR B 370 -16.52 29.55 -36.86
N ALA B 371 -17.68 30.20 -37.01
CA ALA B 371 -18.30 30.87 -35.86
C ALA B 371 -18.69 29.87 -34.78
N LYS B 372 -19.05 28.65 -35.17
CA LYS B 372 -19.42 27.60 -34.22
C LYS B 372 -18.40 26.47 -34.23
N VAL B 373 -17.11 26.82 -34.25
CA VAL B 373 -16.07 25.81 -34.30
C VAL B 373 -15.85 25.17 -32.92
N PHE B 374 -16.11 25.91 -31.84
CA PHE B 374 -15.96 25.36 -30.51
C PHE B 374 -17.12 24.44 -30.13
N ASP B 375 -18.20 24.41 -30.91
CA ASP B 375 -19.28 23.47 -30.66
C ASP B 375 -18.86 22.05 -31.00
N GLU B 376 -17.89 21.88 -31.90
CA GLU B 376 -17.39 20.56 -32.27
C GLU B 376 -16.52 19.93 -31.19
N PHE B 377 -16.23 20.65 -30.10
CA PHE B 377 -15.39 20.12 -29.04
C PHE B 377 -16.18 19.41 -27.94
N LYS B 378 -17.47 19.73 -27.80
CA LYS B 378 -18.28 19.07 -26.78
C LYS B 378 -18.33 17.55 -26.94
N PRO B 379 -18.54 16.98 -28.14
CA PRO B 379 -18.50 15.52 -28.24
C PRO B 379 -17.10 14.95 -28.07
N LEU B 380 -16.06 15.71 -28.44
CA LEU B 380 -14.69 15.20 -28.28
C LEU B 380 -14.27 15.18 -26.81
N VAL B 381 -14.78 16.12 -26.01
CA VAL B 381 -14.46 16.11 -24.58
C VAL B 381 -15.29 15.06 -23.85
N GLU B 382 -16.50 14.77 -24.33
CA GLU B 382 -17.39 13.86 -23.61
C GLU B 382 -17.00 12.40 -23.79
N GLU B 383 -16.42 12.04 -24.94
CA GLU B 383 -16.10 10.64 -25.19
C GLU B 383 -15.12 10.06 -24.17
N PRO B 384 -14.04 10.74 -23.76
CA PRO B 384 -13.20 10.17 -22.69
C PRO B 384 -13.90 10.10 -21.35
N GLN B 385 -14.65 11.15 -20.98
CA GLN B 385 -15.27 11.18 -19.66
C GLN B 385 -16.28 10.05 -19.48
N ASN B 386 -17.10 9.79 -20.51
CA ASN B 386 -18.03 8.69 -20.44
C ASN B 386 -17.31 7.35 -20.36
N LEU B 387 -16.08 7.28 -20.89
CA LEU B 387 -15.29 6.06 -20.81
C LEU B 387 -14.59 5.93 -19.46
N ILE B 388 -14.00 7.02 -18.97
CA ILE B 388 -13.26 6.97 -17.72
C ILE B 388 -14.20 6.72 -16.55
N LYS B 389 -15.37 7.37 -16.55
CA LYS B 389 -16.33 7.14 -15.47
C LYS B 389 -16.92 5.74 -15.54
N GLN B 390 -17.04 5.17 -16.74
CA GLN B 390 -17.61 3.82 -16.87
C GLN B 390 -16.61 2.77 -16.39
N ASN B 391 -15.35 2.89 -16.80
CA ASN B 391 -14.37 1.86 -16.49
C ASN B 391 -13.88 1.96 -15.04
N CYS B 392 -13.72 3.17 -14.52
CA CYS B 392 -13.33 3.31 -13.12
C CYS B 392 -14.41 2.76 -12.19
N GLU B 393 -15.68 2.95 -12.56
CA GLU B 393 -16.76 2.35 -11.78
C GLU B 393 -16.67 0.83 -11.81
N LEU B 394 -16.27 0.27 -12.95
CA LEU B 394 -16.05 -1.17 -13.03
C LEU B 394 -14.82 -1.59 -12.24
N PHE B 395 -13.81 -0.73 -12.18
CA PHE B 395 -12.59 -1.07 -11.44
C PHE B 395 -12.86 -1.22 -9.96
N GLU B 396 -13.70 -0.35 -9.38
CA GLU B 396 -14.01 -0.44 -7.96
C GLU B 396 -14.82 -1.67 -7.61
N GLN B 397 -15.46 -2.31 -8.58
CA GLN B 397 -16.27 -3.49 -8.31
C GLN B 397 -15.43 -4.76 -8.23
N LEU B 398 -14.33 -4.83 -8.97
CA LEU B 398 -13.57 -6.06 -9.13
C LEU B 398 -12.20 -6.05 -8.47
N GLY B 399 -11.58 -4.89 -8.29
CA GLY B 399 -10.21 -4.83 -7.86
C GLY B 399 -9.24 -5.09 -9.01
N GLU B 400 -7.99 -4.69 -8.79
CA GLU B 400 -7.01 -4.65 -9.87
C GLU B 400 -6.88 -6.01 -10.56
N TYR B 401 -6.73 -7.09 -9.78
CA TYR B 401 -6.53 -8.40 -10.37
C TYR B 401 -7.73 -8.82 -11.22
N LYS B 402 -8.93 -8.80 -10.63
CA LYS B 402 -10.12 -9.19 -11.37
C LYS B 402 -10.44 -8.20 -12.48
N PHE B 403 -10.06 -6.93 -12.32
CA PHE B 403 -10.25 -5.95 -13.38
C PHE B 403 -9.31 -6.21 -14.55
N GLN B 404 -8.14 -6.80 -14.29
CA GLN B 404 -7.24 -7.17 -15.38
C GLN B 404 -7.80 -8.34 -16.18
N ASN B 405 -8.45 -9.29 -15.51
CA ASN B 405 -9.07 -10.41 -16.22
C ASN B 405 -10.24 -9.94 -17.07
N ALA B 406 -10.97 -8.92 -16.61
CA ALA B 406 -12.05 -8.37 -17.42
C ALA B 406 -11.52 -7.71 -18.68
N LEU B 407 -10.39 -7.00 -18.57
CA LEU B 407 -9.76 -6.41 -19.75
C LEU B 407 -9.04 -7.45 -20.60
N LEU B 408 -8.63 -8.57 -20.01
CA LEU B 408 -8.08 -9.67 -20.79
C LEU B 408 -9.11 -10.23 -21.75
N VAL B 409 -10.31 -10.53 -21.23
CA VAL B 409 -11.37 -11.08 -22.06
C VAL B 409 -11.81 -10.07 -23.12
N ARG B 410 -11.89 -8.80 -22.75
CA ARG B 410 -12.38 -7.78 -23.67
C ARG B 410 -11.46 -7.63 -24.87
N TYR B 411 -10.16 -7.43 -24.62
CA TYR B 411 -9.22 -7.20 -25.70
C TYR B 411 -8.85 -8.48 -26.45
N THR B 412 -8.98 -9.65 -25.82
CA THR B 412 -8.73 -10.89 -26.55
C THR B 412 -9.86 -11.16 -27.54
N LYS B 413 -11.11 -10.91 -27.15
CA LYS B 413 -12.21 -11.03 -28.09
C LYS B 413 -12.13 -9.98 -29.18
N LYS B 414 -11.66 -8.78 -28.84
CA LYS B 414 -11.41 -7.76 -29.85
C LYS B 414 -10.36 -8.23 -30.86
N VAL B 415 -9.19 -8.60 -30.36
CA VAL B 415 -8.08 -9.01 -31.22
C VAL B 415 -7.59 -10.39 -30.82
N PRO B 416 -8.20 -11.47 -31.31
CA PRO B 416 -7.70 -12.81 -30.96
C PRO B 416 -6.45 -13.23 -31.72
N GLN B 417 -5.98 -12.43 -32.67
CA GLN B 417 -4.80 -12.81 -33.45
C GLN B 417 -3.50 -12.50 -32.71
N VAL B 418 -3.51 -11.49 -31.83
CA VAL B 418 -2.30 -11.14 -31.09
C VAL B 418 -1.87 -12.29 -30.21
N SER B 419 -0.56 -12.51 -30.12
CA SER B 419 -0.02 -13.61 -29.32
C SER B 419 -0.44 -13.47 -27.86
N THR B 420 -0.47 -14.61 -27.16
CA THR B 420 -0.88 -14.60 -25.76
C THR B 420 0.04 -13.81 -24.85
N PRO B 421 1.37 -13.94 -24.93
CA PRO B 421 2.22 -13.12 -24.05
C PRO B 421 2.03 -11.62 -24.24
N THR B 422 1.75 -11.18 -25.46
CA THR B 422 1.51 -9.76 -25.68
C THR B 422 0.14 -9.34 -25.13
N LEU B 423 -0.86 -10.21 -25.26
CA LEU B 423 -2.19 -9.88 -24.74
C LEU B 423 -2.21 -9.82 -23.22
N VAL B 424 -1.40 -10.64 -22.56
CA VAL B 424 -1.38 -10.65 -21.10
C VAL B 424 -0.72 -9.38 -20.56
N GLU B 425 0.53 -9.14 -20.99
CA GLU B 425 1.29 -8.01 -20.45
C GLU B 425 0.59 -6.68 -20.70
N VAL B 426 0.04 -6.49 -21.89
CA VAL B 426 -0.63 -5.24 -22.22
C VAL B 426 -1.89 -5.07 -21.37
N SER B 427 -2.65 -6.15 -21.20
CA SER B 427 -3.88 -6.05 -20.41
C SER B 427 -3.60 -5.82 -18.94
N ARG B 428 -2.51 -6.41 -18.42
CA ARG B 428 -2.14 -6.16 -17.04
C ARG B 428 -1.75 -4.71 -16.82
N ASN B 429 -1.07 -4.11 -17.80
CA ASN B 429 -0.74 -2.69 -17.71
C ASN B 429 -1.95 -1.80 -17.96
N LEU B 430 -2.94 -2.31 -18.71
CA LEU B 430 -4.19 -1.56 -18.88
C LEU B 430 -4.94 -1.45 -17.56
N GLY B 431 -4.99 -2.55 -16.79
CA GLY B 431 -5.66 -2.52 -15.50
C GLY B 431 -4.92 -1.70 -14.46
N LYS B 432 -3.59 -1.58 -14.60
CA LYS B 432 -2.82 -0.77 -13.67
C LYS B 432 -3.18 0.70 -13.72
N VAL B 433 -3.81 1.15 -14.82
CA VAL B 433 -4.23 2.55 -14.91
C VAL B 433 -5.30 2.85 -13.87
N GLY B 434 -6.17 1.87 -13.59
CA GLY B 434 -7.22 2.09 -12.61
C GLY B 434 -6.72 2.22 -11.19
N SER B 435 -5.56 1.62 -10.89
CA SER B 435 -5.06 1.63 -9.52
C SER B 435 -4.49 2.99 -9.13
N LYS B 436 -3.97 3.74 -10.10
CA LYS B 436 -3.31 5.01 -9.84
C LYS B 436 -4.02 6.20 -10.48
N CYS B 437 -5.20 6.02 -11.08
CA CYS B 437 -5.93 7.16 -11.62
C CYS B 437 -7.38 7.20 -11.13
N CYS B 438 -8.02 6.06 -10.90
CA CYS B 438 -9.40 6.09 -10.44
C CYS B 438 -9.53 6.65 -9.02
N LYS B 439 -8.46 6.60 -8.23
CA LYS B 439 -8.49 7.20 -6.90
C LYS B 439 -8.58 8.72 -6.95
N HIS B 440 -8.32 9.33 -8.10
CA HIS B 440 -8.44 10.77 -8.26
C HIS B 440 -9.90 11.15 -8.49
N PRO B 441 -10.26 12.41 -8.21
CA PRO B 441 -11.59 12.90 -8.59
C PRO B 441 -11.67 13.08 -10.10
N GLU B 442 -12.88 13.41 -10.55
CA GLU B 442 -13.14 13.56 -11.98
C GLU B 442 -12.33 14.69 -12.62
N ALA B 443 -11.75 15.59 -11.81
CA ALA B 443 -10.98 16.69 -12.38
C ALA B 443 -9.64 16.20 -12.92
N LYS B 444 -8.84 15.56 -12.08
CA LYS B 444 -7.51 15.09 -12.46
C LYS B 444 -7.50 13.64 -12.94
N ARG B 445 -8.66 13.12 -13.36
CA ARG B 445 -8.72 11.74 -13.82
C ARG B 445 -8.27 11.61 -15.27
N MET B 446 -8.86 12.41 -16.17
CA MET B 446 -8.55 12.28 -17.58
C MET B 446 -7.07 12.49 -17.92
N PRO B 447 -6.36 13.46 -17.35
CA PRO B 447 -4.90 13.51 -17.63
C PRO B 447 -4.16 12.27 -17.17
N CYS B 448 -4.48 11.77 -15.98
CA CYS B 448 -3.84 10.56 -15.49
C CYS B 448 -4.21 9.36 -16.35
N ALA B 449 -5.50 9.14 -16.58
CA ALA B 449 -5.97 7.90 -17.17
C ALA B 449 -5.63 7.82 -18.65
N GLU B 450 -6.01 8.84 -19.43
CA GLU B 450 -5.90 8.73 -20.88
C GLU B 450 -4.46 8.84 -21.37
N ASP B 451 -3.65 9.67 -20.71
CA ASP B 451 -2.24 9.75 -21.10
C ASP B 451 -1.50 8.46 -20.77
N TYR B 452 -1.91 7.79 -19.70
CA TYR B 452 -1.38 6.45 -19.42
C TYR B 452 -1.83 5.46 -20.47
N LEU B 453 -3.11 5.51 -20.87
CA LEU B 453 -3.62 4.59 -21.88
C LEU B 453 -2.86 4.73 -23.20
N SER B 454 -2.36 5.92 -23.51
CA SER B 454 -1.55 6.10 -24.70
C SER B 454 -0.19 5.42 -24.57
N VAL B 455 0.26 5.15 -23.35
CA VAL B 455 1.53 4.46 -23.15
C VAL B 455 1.35 2.95 -23.26
N VAL B 456 0.26 2.42 -22.72
CA VAL B 456 0.04 0.98 -22.77
C VAL B 456 -0.31 0.54 -24.18
N LEU B 457 -1.22 1.28 -24.83
CA LEU B 457 -1.61 0.92 -26.19
C LEU B 457 -0.45 1.09 -27.17
N ASN B 458 0.43 2.07 -26.93
CA ASN B 458 1.63 2.19 -27.76
C ASN B 458 2.55 0.99 -27.54
N GLN B 459 2.66 0.51 -26.30
CA GLN B 459 3.45 -0.69 -26.04
C GLN B 459 2.82 -1.90 -26.71
N LEU B 460 1.48 -1.91 -26.85
CA LEU B 460 0.82 -3.01 -27.54
C LEU B 460 1.23 -3.08 -29.01
N CYS B 461 1.33 -1.93 -29.67
CA CYS B 461 1.59 -1.92 -31.10
C CYS B 461 3.06 -2.10 -31.42
N VAL B 462 3.96 -1.52 -30.62
CA VAL B 462 5.38 -1.69 -30.90
C VAL B 462 5.81 -3.13 -30.67
N LEU B 463 5.15 -3.83 -29.75
CA LEU B 463 5.39 -5.27 -29.60
C LEU B 463 4.71 -6.06 -30.71
N HIS B 464 3.64 -5.51 -31.28
CA HIS B 464 2.96 -6.13 -32.40
C HIS B 464 3.55 -5.74 -33.74
N GLU B 465 4.19 -4.57 -33.82
CA GLU B 465 4.75 -4.10 -35.09
C GLU B 465 5.87 -5.02 -35.58
N LYS B 466 6.58 -5.68 -34.66
CA LYS B 466 7.66 -6.57 -35.05
C LYS B 466 7.14 -7.74 -35.88
N THR B 467 6.17 -8.47 -35.35
CA THR B 467 5.53 -9.60 -36.04
C THR B 467 4.03 -9.37 -36.04
N PRO B 468 3.51 -8.60 -36.99
CA PRO B 468 2.06 -8.34 -37.01
C PRO B 468 1.26 -9.58 -37.35
N VAL B 469 0.08 -9.66 -36.77
CA VAL B 469 -0.79 -10.82 -36.93
C VAL B 469 -2.24 -10.37 -37.09
N SER B 470 -2.50 -9.09 -36.79
CA SER B 470 -3.84 -8.54 -36.85
C SER B 470 -3.85 -7.28 -37.70
N ASP B 471 -4.89 -7.11 -38.50
CA ASP B 471 -5.00 -5.93 -39.35
C ASP B 471 -5.57 -4.73 -38.60
N ARG B 472 -6.42 -4.98 -37.59
CA ARG B 472 -7.03 -3.88 -36.85
C ARG B 472 -6.05 -3.24 -35.88
N VAL B 473 -5.08 -3.99 -35.38
CA VAL B 473 -4.05 -3.39 -34.53
C VAL B 473 -3.11 -2.53 -35.37
N THR B 474 -2.72 -3.02 -36.56
CA THR B 474 -1.87 -2.24 -37.44
C THR B 474 -2.58 -0.99 -37.92
N LYS B 475 -3.88 -1.09 -38.22
CA LYS B 475 -4.62 0.05 -38.75
C LYS B 475 -4.84 1.11 -37.68
N CYS B 476 -5.17 0.69 -36.45
CA CYS B 476 -5.47 1.66 -35.39
C CYS B 476 -4.23 2.48 -35.01
N CYS B 477 -3.04 1.91 -35.13
CA CYS B 477 -1.84 2.61 -34.69
C CYS B 477 -1.15 3.38 -35.81
N THR B 478 -1.33 2.98 -37.07
CA THR B 478 -0.75 3.72 -38.18
C THR B 478 -1.68 4.79 -38.72
N GLU B 479 -2.98 4.74 -38.37
CA GLU B 479 -3.91 5.77 -38.82
C GLU B 479 -3.54 7.13 -38.23
N SER B 480 -3.31 7.18 -36.92
CA SER B 480 -2.91 8.41 -36.25
C SER B 480 -2.35 8.07 -34.89
N LEU B 481 -1.31 8.81 -34.49
CA LEU B 481 -0.81 8.70 -33.11
C LEU B 481 -1.90 9.10 -32.13
N VAL B 482 -2.56 10.22 -32.38
CA VAL B 482 -3.77 10.60 -31.66
C VAL B 482 -4.88 9.66 -32.09
N ASN B 483 -5.99 9.65 -31.35
CA ASN B 483 -7.15 8.81 -31.63
C ASN B 483 -6.84 7.31 -31.56
N ARG B 484 -5.69 6.93 -30.98
CA ARG B 484 -5.40 5.52 -30.80
C ARG B 484 -6.37 4.87 -29.82
N ARG B 485 -6.65 5.54 -28.72
CA ARG B 485 -7.52 5.01 -27.67
C ARG B 485 -8.96 4.89 -28.15
N PRO B 486 -9.54 5.90 -28.83
CA PRO B 486 -10.89 5.71 -29.39
C PRO B 486 -10.96 4.56 -30.38
N CYS B 487 -9.88 4.28 -31.09
CA CYS B 487 -9.88 3.17 -32.05
C CYS B 487 -10.09 1.83 -31.34
N PHE B 488 -9.21 1.53 -30.38
CA PHE B 488 -9.31 0.25 -29.68
C PHE B 488 -10.57 0.17 -28.82
N SER B 489 -10.97 1.29 -28.20
CA SER B 489 -12.18 1.28 -27.38
C SER B 489 -13.42 0.98 -28.22
N ALA B 490 -13.45 1.48 -29.46
CA ALA B 490 -14.56 1.25 -30.36
C ALA B 490 -14.36 0.07 -31.29
N LEU B 491 -13.57 -0.92 -30.87
CA LEU B 491 -13.36 -2.15 -31.64
C LEU B 491 -14.30 -3.22 -31.13
N GLU B 492 -15.15 -3.75 -32.02
CA GLU B 492 -16.05 -4.82 -31.68
C GLU B 492 -15.30 -6.16 -31.65
N VAL B 493 -16.01 -7.21 -31.24
CA VAL B 493 -15.43 -8.54 -31.20
C VAL B 493 -15.19 -9.03 -32.62
N ASP B 494 -14.01 -9.62 -32.84
CA ASP B 494 -13.65 -10.14 -34.17
C ASP B 494 -14.43 -11.41 -34.44
N GLU B 495 -15.38 -11.34 -35.38
CA GLU B 495 -16.16 -12.50 -35.74
C GLU B 495 -15.46 -13.40 -36.75
N THR B 496 -14.53 -12.84 -37.54
CA THR B 496 -13.82 -13.63 -38.53
C THR B 496 -12.85 -14.63 -37.90
N TYR B 497 -12.44 -14.40 -36.65
CA TYR B 497 -11.48 -15.28 -36.01
C TYR B 497 -12.05 -16.68 -35.85
N VAL B 498 -11.25 -17.68 -36.20
CA VAL B 498 -11.63 -19.08 -36.08
C VAL B 498 -11.25 -19.56 -34.68
N PRO B 499 -12.14 -20.18 -33.94
CA PRO B 499 -11.79 -20.67 -32.60
C PRO B 499 -10.62 -21.65 -32.66
N LYS B 500 -9.62 -21.38 -31.84
CA LYS B 500 -8.40 -22.19 -31.84
C LYS B 500 -8.70 -23.61 -31.40
N GLU B 501 -8.05 -24.58 -32.05
CA GLU B 501 -8.26 -25.98 -31.72
C GLU B 501 -7.81 -26.26 -30.28
N PHE B 502 -8.51 -27.19 -29.63
CA PHE B 502 -8.22 -27.51 -28.24
C PHE B 502 -6.84 -28.15 -28.12
N ASN B 503 -6.09 -27.74 -27.10
CA ASN B 503 -4.78 -28.28 -26.80
C ASN B 503 -4.75 -28.70 -25.33
N ALA B 504 -4.28 -29.92 -25.07
CA ALA B 504 -4.31 -30.44 -23.71
C ALA B 504 -3.12 -29.95 -22.89
N GLU B 505 -1.94 -29.86 -23.50
CA GLU B 505 -0.76 -29.43 -22.76
C GLU B 505 -0.84 -27.97 -22.32
N THR B 506 -1.71 -27.17 -22.94
CA THR B 506 -1.83 -25.77 -22.56
C THR B 506 -2.53 -25.62 -21.21
N PHE B 507 -3.55 -26.44 -20.95
CA PHE B 507 -4.35 -26.33 -19.74
C PHE B 507 -3.91 -27.28 -18.64
N THR B 508 -2.80 -27.97 -18.83
CA THR B 508 -2.24 -28.86 -17.82
C THR B 508 -1.00 -28.22 -17.21
N PHE B 509 -0.93 -28.20 -15.88
CA PHE B 509 0.11 -27.48 -15.17
C PHE B 509 0.82 -28.40 -14.21
N HIS B 510 2.15 -28.46 -14.31
CA HIS B 510 2.94 -29.21 -13.35
C HIS B 510 2.99 -28.48 -12.00
N ALA B 511 3.42 -29.20 -10.98
CA ALA B 511 3.47 -28.64 -9.62
C ALA B 511 4.60 -27.64 -9.44
N ASP B 512 5.40 -27.36 -10.46
CA ASP B 512 6.46 -26.36 -10.33
C ASP B 512 5.91 -24.94 -10.21
N ILE B 513 4.62 -24.73 -10.50
CA ILE B 513 4.02 -23.42 -10.36
C ILE B 513 3.96 -22.98 -8.89
N CYS B 514 3.99 -23.94 -7.96
CA CYS B 514 3.82 -23.62 -6.54
C CYS B 514 5.00 -22.84 -5.97
N THR B 515 6.18 -22.94 -6.59
CA THR B 515 7.37 -22.30 -6.06
C THR B 515 7.59 -20.88 -6.59
N LEU B 516 6.67 -20.38 -7.41
CA LEU B 516 6.80 -19.04 -7.95
C LEU B 516 6.13 -18.03 -7.03
N SER B 517 6.41 -16.75 -7.29
CA SER B 517 5.76 -15.68 -6.54
C SER B 517 4.29 -15.59 -6.94
N GLU B 518 3.51 -14.91 -6.10
CA GLU B 518 2.07 -14.77 -6.39
C GLU B 518 1.84 -13.98 -7.67
N LYS B 519 2.75 -13.04 -7.99
CA LYS B 519 2.61 -12.28 -9.23
C LYS B 519 2.91 -13.16 -10.44
N GLU B 520 4.03 -13.89 -10.40
CA GLU B 520 4.35 -14.80 -11.50
C GLU B 520 3.34 -15.94 -11.59
N ARG B 521 2.70 -16.30 -10.48
CA ARG B 521 1.69 -17.35 -10.50
C ARG B 521 0.40 -16.86 -11.14
N GLN B 522 0.09 -15.56 -11.01
CA GLN B 522 -1.11 -15.02 -11.64
C GLN B 522 -0.92 -14.80 -13.13
N ILE B 523 0.32 -14.62 -13.59
CA ILE B 523 0.58 -14.51 -15.02
C ILE B 523 0.21 -15.81 -15.73
N LYS B 524 0.55 -16.95 -15.11
CA LYS B 524 0.19 -18.23 -15.69
C LYS B 524 -1.32 -18.43 -15.71
N LYS B 525 -2.01 -18.01 -14.63
CA LYS B 525 -3.46 -18.13 -14.60
C LYS B 525 -4.12 -17.17 -15.59
N GLN B 526 -3.50 -16.01 -15.83
CA GLN B 526 -4.02 -15.08 -16.82
C GLN B 526 -3.61 -15.49 -18.23
N THR B 527 -2.48 -16.18 -18.38
CA THR B 527 -2.12 -16.74 -19.68
C THR B 527 -3.07 -17.85 -20.07
N ALA B 528 -3.42 -18.73 -19.12
CA ALA B 528 -4.39 -19.79 -19.40
C ALA B 528 -5.77 -19.23 -19.69
N LEU B 529 -6.09 -18.06 -19.15
CA LEU B 529 -7.38 -17.44 -19.44
C LEU B 529 -7.45 -16.94 -20.88
N VAL B 530 -6.31 -16.53 -21.44
CA VAL B 530 -6.30 -16.05 -22.82
C VAL B 530 -6.51 -17.22 -23.79
N GLU B 531 -5.77 -18.30 -23.60
CA GLU B 531 -5.92 -19.48 -24.46
C GLU B 531 -7.32 -20.05 -24.38
N LEU B 532 -7.98 -19.91 -23.23
CA LEU B 532 -9.38 -20.33 -23.12
C LEU B 532 -10.28 -19.43 -23.95
N VAL B 533 -10.06 -18.11 -23.90
CA VAL B 533 -10.86 -17.19 -24.70
C VAL B 533 -10.56 -17.37 -26.18
N LYS B 534 -9.30 -17.64 -26.53
CA LYS B 534 -8.96 -17.91 -27.92
C LYS B 534 -9.59 -19.21 -28.40
N HIS B 535 -9.66 -20.21 -27.53
CA HIS B 535 -10.23 -21.50 -27.91
C HIS B 535 -11.75 -21.42 -27.98
N LYS B 536 -12.39 -20.81 -26.98
CA LYS B 536 -13.85 -20.70 -26.91
C LYS B 536 -14.23 -19.22 -26.86
N PRO B 537 -14.24 -18.54 -28.00
CA PRO B 537 -14.65 -17.12 -28.00
C PRO B 537 -16.11 -16.92 -27.67
N LYS B 538 -16.96 -17.93 -27.89
CA LYS B 538 -18.38 -17.82 -27.59
C LYS B 538 -18.70 -18.02 -26.11
N ALA B 539 -17.69 -18.23 -25.27
CA ALA B 539 -17.93 -18.41 -23.84
C ALA B 539 -18.43 -17.12 -23.23
N THR B 540 -19.42 -17.24 -22.34
CA THR B 540 -20.02 -16.08 -21.71
C THR B 540 -19.19 -15.62 -20.51
N LYS B 541 -19.50 -14.41 -20.05
CA LYS B 541 -18.80 -13.86 -18.89
C LYS B 541 -19.06 -14.69 -17.64
N GLU B 542 -20.26 -15.26 -17.51
CA GLU B 542 -20.53 -16.16 -16.39
C GLU B 542 -19.78 -17.47 -16.54
N GLN B 543 -19.53 -17.91 -17.77
CA GLN B 543 -18.79 -19.15 -18.00
C GLN B 543 -17.29 -18.93 -17.89
N LEU B 544 -16.79 -17.76 -18.29
CA LEU B 544 -15.36 -17.48 -18.17
C LEU B 544 -14.97 -17.22 -16.73
N LYS B 545 -15.79 -16.46 -16.00
CA LYS B 545 -15.51 -16.22 -14.59
C LYS B 545 -15.63 -17.51 -13.77
N ALA B 546 -16.47 -18.45 -14.22
CA ALA B 546 -16.56 -19.74 -13.54
C ALA B 546 -15.30 -20.56 -13.75
N VAL B 547 -14.72 -20.48 -14.95
CA VAL B 547 -13.47 -21.21 -15.21
C VAL B 547 -12.32 -20.56 -14.45
N MET B 548 -12.31 -19.23 -14.35
CA MET B 548 -11.25 -18.55 -13.62
C MET B 548 -11.36 -18.82 -12.12
N ASP B 549 -12.57 -18.88 -11.59
CA ASP B 549 -12.75 -19.19 -10.18
C ASP B 549 -12.40 -20.65 -9.89
N ASP B 550 -12.78 -21.56 -10.79
CA ASP B 550 -12.42 -22.97 -10.62
C ASP B 550 -10.92 -23.17 -10.75
N PHE B 551 -10.28 -22.46 -11.68
CA PHE B 551 -8.86 -22.63 -11.91
C PHE B 551 -8.04 -22.09 -10.74
N ALA B 552 -8.34 -20.87 -10.30
CA ALA B 552 -7.59 -20.27 -9.19
C ALA B 552 -7.74 -21.08 -7.91
N ALA B 553 -8.87 -21.75 -7.74
CA ALA B 553 -9.05 -22.62 -6.58
C ALA B 553 -8.43 -23.99 -6.78
N PHE B 554 -8.25 -24.42 -8.03
CA PHE B 554 -7.66 -25.72 -8.30
C PHE B 554 -6.16 -25.73 -8.03
N VAL B 555 -5.47 -24.64 -8.40
CA VAL B 555 -4.03 -24.58 -8.16
C VAL B 555 -3.74 -24.42 -6.67
N GLU B 556 -4.63 -23.77 -5.92
CA GLU B 556 -4.41 -23.62 -4.49
C GLU B 556 -4.61 -24.94 -3.75
N LYS B 557 -5.53 -25.78 -4.23
CA LYS B 557 -5.79 -27.06 -3.57
C LYS B 557 -4.66 -28.04 -3.82
N CYS B 558 -4.10 -28.05 -5.03
CA CYS B 558 -3.03 -28.98 -5.36
C CYS B 558 -1.71 -28.56 -4.71
N CYS B 559 -1.41 -27.26 -4.73
CA CYS B 559 -0.10 -26.81 -4.24
C CYS B 559 0.07 -27.03 -2.74
N LYS B 560 -1.02 -26.97 -1.97
CA LYS B 560 -0.88 -27.06 -0.53
C LYS B 560 -0.59 -28.48 -0.06
N ALA B 561 -1.26 -29.48 -0.64
CA ALA B 561 -1.20 -30.85 -0.14
C ALA B 561 -0.25 -31.68 -1.00
N ASP B 562 0.73 -32.30 -0.36
CA ASP B 562 1.62 -33.27 -1.00
C ASP B 562 0.97 -34.66 -0.91
N ASP B 563 1.01 -35.45 -1.98
CA ASP B 563 1.74 -35.15 -3.21
C ASP B 563 1.05 -34.14 -4.12
N LYS B 564 1.74 -33.01 -4.32
CA LYS B 564 1.28 -32.00 -5.27
C LYS B 564 1.66 -32.33 -6.70
N GLU B 565 2.70 -33.16 -6.90
CA GLU B 565 3.13 -33.52 -8.24
C GLU B 565 2.10 -34.42 -8.92
N THR B 566 1.59 -35.42 -8.18
CA THR B 566 0.57 -36.30 -8.73
C THR B 566 -0.78 -35.62 -8.87
N CYS B 567 -0.95 -34.42 -8.30
CA CYS B 567 -2.17 -33.63 -8.40
C CYS B 567 -2.35 -32.98 -9.77
N PHE B 568 -1.47 -33.29 -10.73
CA PHE B 568 -1.52 -32.67 -12.05
C PHE B 568 -2.74 -33.08 -12.86
N ALA B 569 -3.55 -34.02 -12.36
CA ALA B 569 -4.74 -34.45 -13.07
C ALA B 569 -5.78 -33.33 -13.12
CT2 AME C . -16.41 -5.48 10.96
CT1 AME C . -15.74 -5.12 12.27
OT AME C . -16.13 -4.15 12.90
CB AME C . -13.27 -4.23 13.86
CG AME C . -12.58 -4.17 12.52
SD AME C . -11.01 -5.00 12.62
CE AME C . -10.32 -5.17 11.01
C AME C . -14.99 -5.51 15.12
O AME C . -14.74 -4.84 16.16
OXT AME C . -16.08 -6.15 15.03
N AME C . -14.64 -5.89 12.76
CA AME C . -13.99 -5.57 13.98
C1 OCA D . -8.65 13.95 19.50
C2 OCA D . -8.74 13.26 18.15
C3 OCA D . -7.92 12.00 18.17
C4 OCA D . -7.83 11.43 16.78
C5 OCA D . -9.23 11.21 16.23
C6 OCA D . -9.13 10.78 14.77
C7 OCA D . -10.53 10.66 14.20
C8 OCA D . -10.44 10.12 12.78
O1 OCA D . -8.06 15.04 19.61
O2 OCA D . -9.18 13.42 20.51
C1 OCA E . -17.25 -8.88 17.70
C2 OCA E . -18.33 -9.87 18.10
C3 OCA E . -18.11 -11.18 17.38
C4 OCA E . -19.14 -12.18 17.83
C5 OCA E . -19.00 -13.47 17.04
C6 OCA E . -18.27 -14.50 17.86
C7 OCA E . -18.08 -15.76 17.04
C8 OCA E . -17.30 -16.78 17.84
O1 OCA E . -17.44 -8.09 16.74
O2 OCA E . -16.16 -8.85 18.34
P PO4 F . 4.74 -0.49 15.65
O1 PO4 F . 4.86 0.87 16.32
O2 PO4 F . 3.94 -0.34 14.38
O3 PO4 F . 4.05 -1.45 16.58
O4 PO4 F . 6.12 -1.01 15.32
CT2 AME G . 1.24 13.95 -15.78
CT1 AME G . 2.31 14.26 -14.75
OT AME G . 2.01 14.93 -13.78
CB AME G . 3.44 11.60 -15.99
CG AME G . 3.41 11.06 -14.57
SD AME G . 3.91 9.35 -14.58
CE AME G . 4.53 8.92 -12.98
C AME G . 3.87 13.67 -17.31
O AME G . 3.88 14.93 -17.36
OXT AME G . 3.68 13.00 -18.36
N AME G . 3.67 13.77 -14.88
CA AME G . 4.11 12.96 -15.99
C1 OCA H . 8.13 17.28 -19.15
C2 OCA H . 9.60 17.49 -18.84
C3 OCA H . 10.08 18.80 -19.45
C4 OCA H . 11.06 19.47 -18.51
C5 OCA H . 12.44 19.54 -19.13
C6 OCA H . 13.06 18.16 -19.15
C7 OCA H . 14.56 18.25 -19.33
C8 OCA H . 15.21 18.65 -18.02
O1 OCA H . 7.41 18.26 -19.48
O2 OCA H . 7.64 16.13 -19.08
P PO4 I . 4.76 -6.51 -13.78
O1 PO4 I . 5.75 -5.49 -14.28
O2 PO4 I . 3.68 -6.72 -14.81
O3 PO4 I . 4.15 -6.01 -12.49
O4 PO4 I . 5.47 -7.82 -13.52
#